data_8ZRK
#
_entry.id   8ZRK
#
_cell.length_a   1.00
_cell.length_b   1.00
_cell.length_c   1.00
_cell.angle_alpha   90.00
_cell.angle_beta   90.00
_cell.angle_gamma   90.00
#
_symmetry.space_group_name_H-M   'P 1'
#
loop_
_entity.id
_entity.type
_entity.pdbx_description
1 polymer 'Guanine nucleotide-binding protein G(s) subunit alpha isoforms short'
2 polymer 'Guanine nucleotide-binding protein G(I)/G(S)/G(T) subunit beta-1'
3 polymer 'Guanine nucleotide-binding protein G(I)/G(S)/G(O) subunit gamma-2'
4 polymer nanobody35
5 polymer 'Glucose-dependent insulinotropic receptor'
6 non-polymer GSK-1292263
#
loop_
_entity_poly.entity_id
_entity_poly.type
_entity_poly.pdbx_seq_one_letter_code
_entity_poly.pdbx_strand_id
1 'polypeptide(L)'
;MGCLGNSKTEDQRNEEKAQREANKKIEKQLQKDKQVYRATHRLLLLGAGESGKNTIVKQMRILHVNGFNGEGGEEDPQAA
RSNSDGEKATKVQDIKNNLKEAIETIVAAMSNLVPPVELANPENQFRVDYILSVMNVPDFDFPPEFYEHAKALWEDEGVR
ACYERSNEYQLIDCAQYFLDKIDVIKQADYVPSDQDLLRCRVLTSGIFETKFQVDKVNFHMFDVGAQRDERRKWIQCFND
VTAIIFVVASSSYNMVIREDNQTNRLQAALKLFDSIWNNKWLRDTSVILFLNKQDLLAEKVLAGKSKIEDYFPEFARYTT
PEDATPEPGEDPRVTRAKYFIRDEFLRISTASGDGRHYCYPHFTCSVDTENIRRVFNDCRDIIQRMHLRQYELL
;
A
2 'polypeptide(L)'
;MHHHHHHHHHHLEVLFQGPGSSGSELDQLRQEAEQLKNQIRDARKACADATLSQITNNIDPVGRIQMRTRRTLRGHLAKI
YAMHWGTDSRLLVSASQDGKLIIWDSYTTNKVHAIPLRSSWVMTCAYAPSGNYVACGGLDNICSIYNLKTREGNVRVSRE
LAGHTGYLSCCRFLDDNQIVTSSGDTTCALWDIETGQQTTTFTGHTGDVMSLSLAPDTRLFVSGACDASAKLWDVREGMC
RQTFTGHESDINAICFFPNGNAFATGSDDATCRLFDLRADQELMTYSHDNIICGITSVSFSKSGRLLLAGYDDFNCNVWD
ALKADRAGVLAGHDNRVSCLGVTDDGMAVATGSWDSFLKIWNVSGWRLFKKISVSGWRLFKKIS
;
B
3 'polypeptide(L)' MASNNTASIAQARKLVEQLKMEANIDRIKVSKAAADLMAYCEAHAKEDPLLTPVPASENPFREKKFFCAIL G
4 'polypeptide(L)'
;MKYLLPTAAAGLLLLAAQPAMAMQVQLQESGGGLVQPGGSLRLSCAASGFTFSNYKMNWVRQAPGKGLEWVSDISQSGAS
ISYTGSVKGRFTISRDNAKNTLYLQMNSLKPEDTAVYYCARCPAPFTRDCFDVTSTTYAYRGQGTQVTVSSHHHHHH
;
N
5 'polypeptide(L)'
;MKTIIALSYIFCLVFADYKDDDDKLEVLFQGPGSMESSFSFGVILAVLASLIIATNTLVAVAVLLLIHKNDGVSLCFTLN
LAVADTLIGVAISGLLTDQLSSPSRPTQKTLCSLRMAFVTSSAAASVLTVMLITFDRYLAIKQPFRYLKIMSGFVAGACI
AGLWLVSYLIGFLPLGIPMFQQTAYKGQCSFFAVFHPHFVLTLSCVGFFPAMLLFVFFYCDMLKIASMHSQQIRKMEHAG
AMAGGYRSPRTPSDFKALRTVSVLIGSFALSWTPFLITGIVQVACQECHLYLVLERYLWLLGVGNSLLNPLIYAYWQKEV
RLQLYHMALGVKKVLTSFLLFLSARNCGPERPRESSCHIVTISSSEFDG
;
R
#
loop_
_chem_comp.id
_chem_comp.type
_chem_comp.name
_chem_comp.formula
A1D8Y non-polymer GSK-1292263 'C23 H28 N4 O4 S'
#
# COMPACT_ATOMS: atom_id res chain seq x y z
N THR A 9 -12.15 -7.83 -43.91
CA THR A 9 -11.52 -6.82 -44.76
C THR A 9 -10.00 -6.87 -44.64
N GLU A 10 -9.32 -6.80 -45.78
CA GLU A 10 -7.86 -6.85 -45.77
C GLU A 10 -7.28 -5.66 -45.03
N ASP A 11 -7.90 -4.48 -45.17
CA ASP A 11 -7.44 -3.31 -44.43
C ASP A 11 -7.56 -3.52 -42.93
N GLN A 12 -8.69 -4.09 -42.49
CA GLN A 12 -8.86 -4.38 -41.06
C GLN A 12 -7.83 -5.39 -40.58
N ARG A 13 -7.57 -6.41 -41.39
CA ARG A 13 -6.55 -7.40 -41.01
C ARG A 13 -5.17 -6.75 -40.89
N ASN A 14 -4.83 -5.88 -41.84
CA ASN A 14 -3.55 -5.19 -41.78
C ASN A 14 -3.44 -4.33 -40.53
N GLU A 15 -4.52 -3.59 -40.22
CA GLU A 15 -4.51 -2.74 -39.03
C GLU A 15 -4.34 -3.58 -37.77
N GLU A 16 -5.06 -4.70 -37.68
CA GLU A 16 -4.96 -5.54 -36.50
C GLU A 16 -3.56 -6.14 -36.37
N LYS A 17 -2.95 -6.54 -37.48
CA LYS A 17 -1.61 -7.09 -37.42
C LYS A 17 -0.60 -6.04 -36.97
N ALA A 18 -0.73 -4.82 -37.49
CA ALA A 18 0.17 -3.74 -37.04
C ALA A 18 -0.03 -3.44 -35.56
N GLN A 19 -1.29 -3.47 -35.11
CA GLN A 19 -1.57 -3.25 -33.69
C GLN A 19 -0.91 -4.31 -32.83
N ARG A 20 -1.02 -5.59 -33.22
CA ARG A 20 -0.40 -6.65 -32.45
C ARG A 20 1.12 -6.53 -32.47
N GLU A 21 1.69 -6.12 -33.60
CA GLU A 21 3.14 -5.92 -33.66
C GLU A 21 3.59 -4.84 -32.69
N ALA A 22 2.85 -3.72 -32.66
CA ALA A 22 3.19 -2.66 -31.72
C ALA A 22 3.07 -3.13 -30.28
N ASN A 23 2.01 -3.90 -29.97
CA ASN A 23 1.84 -4.40 -28.63
C ASN A 23 3.01 -5.30 -28.23
N LYS A 24 3.45 -6.18 -29.13
CA LYS A 24 4.57 -7.07 -28.81
C LYS A 24 5.85 -6.27 -28.58
N LYS A 25 6.11 -5.28 -29.44
CA LYS A 25 7.31 -4.47 -29.27
C LYS A 25 7.29 -3.72 -27.96
N ILE A 26 6.11 -3.32 -27.49
CA ILE A 26 6.01 -2.65 -26.19
C ILE A 26 6.22 -3.64 -25.05
N GLU A 27 5.60 -4.82 -25.15
CA GLU A 27 5.78 -5.85 -24.12
C GLU A 27 7.25 -6.21 -23.92
N LYS A 28 8.03 -6.24 -25.00
CA LYS A 28 9.45 -6.59 -24.86
C LYS A 28 10.17 -5.60 -23.96
N GLN A 29 9.97 -4.30 -24.21
CA GLN A 29 10.63 -3.28 -23.39
C GLN A 29 10.10 -3.30 -21.96
N LEU A 30 8.82 -3.58 -21.77
CA LEU A 30 8.31 -3.71 -20.40
C LEU A 30 8.97 -4.87 -19.67
N GLN A 31 9.17 -5.99 -20.36
CA GLN A 31 9.88 -7.11 -19.75
C GLN A 31 11.31 -6.72 -19.40
N LYS A 32 11.96 -5.95 -20.26
CA LYS A 32 13.30 -5.48 -19.94
C LYS A 32 13.31 -4.54 -18.75
N ASP A 33 12.26 -3.73 -18.59
CA ASP A 33 12.19 -2.77 -17.48
C ASP A 33 11.85 -3.43 -16.15
N LYS A 34 11.11 -4.54 -16.19
CA LYS A 34 10.70 -5.19 -14.95
C LYS A 34 11.91 -5.62 -14.12
N GLN A 35 12.95 -6.16 -14.79
CA GLN A 35 14.13 -6.62 -14.07
C GLN A 35 14.84 -5.46 -13.39
N VAL A 36 14.98 -4.33 -14.09
CA VAL A 36 15.65 -3.18 -13.50
C VAL A 36 14.85 -2.62 -12.34
N TYR A 37 13.51 -2.63 -12.45
CA TYR A 37 12.69 -2.18 -11.34
C TYR A 37 12.82 -3.11 -10.14
N ARG A 38 12.89 -4.42 -10.39
CA ARG A 38 12.94 -5.39 -9.29
C ARG A 38 14.30 -5.43 -8.61
N ALA A 39 15.38 -5.15 -9.34
CA ALA A 39 16.72 -5.19 -8.80
C ALA A 39 17.22 -3.84 -8.30
N THR A 40 16.31 -2.95 -7.90
CA THR A 40 16.67 -1.66 -7.35
C THR A 40 15.96 -1.45 -6.03
N HIS A 41 16.61 -0.75 -5.11
CA HIS A 41 16.13 -0.56 -3.75
C HIS A 41 15.91 0.92 -3.49
N ARG A 42 14.70 1.25 -3.05
CA ARG A 42 14.28 2.64 -2.86
C ARG A 42 14.17 2.95 -1.38
N LEU A 43 14.71 4.09 -0.97
CA LEU A 43 14.75 4.51 0.43
C LEU A 43 14.20 5.92 0.57
N LEU A 44 13.43 6.14 1.62
CA LEU A 44 12.92 7.47 1.96
C LEU A 44 13.74 8.05 3.10
N LEU A 45 14.19 9.29 2.94
CA LEU A 45 14.99 9.98 3.94
C LEU A 45 14.10 11.00 4.65
N LEU A 46 14.00 10.87 5.97
CA LEU A 46 13.24 11.79 6.82
C LEU A 46 14.19 12.51 7.77
N GLY A 47 13.64 13.37 8.61
CA GLY A 47 14.45 14.09 9.57
C GLY A 47 13.84 15.41 10.01
N ALA A 48 14.66 16.45 10.06
CA ALA A 48 14.22 17.78 10.45
C ALA A 48 15.36 18.75 10.18
N GLY A 49 15.08 20.04 10.37
CA GLY A 49 16.12 21.04 10.19
C GLY A 49 17.25 20.89 11.18
N GLU A 50 16.91 20.62 12.45
CA GLU A 50 17.93 20.44 13.47
C GLU A 50 18.85 19.27 13.13
N SER A 51 18.27 18.13 12.78
CA SER A 51 19.06 16.95 12.47
C SER A 51 19.93 17.20 11.25
N GLY A 52 21.12 16.58 11.25
CA GLY A 52 22.09 16.81 10.19
C GLY A 52 21.84 15.98 8.95
N LYS A 53 20.56 15.83 8.58
CA LYS A 53 20.24 15.03 7.40
C LYS A 53 20.88 15.62 6.14
N ASN A 54 21.07 16.94 6.10
CA ASN A 54 21.76 17.55 4.97
C ASN A 54 23.20 17.04 4.87
N THR A 55 23.91 17.00 6.00
CA THR A 55 25.27 16.50 5.98
C THR A 55 25.32 15.02 5.65
N ILE A 56 24.35 14.25 6.15
CA ILE A 56 24.31 12.83 5.81
C ILE A 56 24.09 12.65 4.32
N VAL A 57 23.22 13.48 3.72
CA VAL A 57 22.99 13.42 2.28
C VAL A 57 24.27 13.76 1.52
N LYS A 58 25.01 14.77 2.01
CA LYS A 58 26.27 15.11 1.38
C LYS A 58 27.24 13.94 1.43
N GLN A 59 27.34 13.28 2.58
CA GLN A 59 28.25 12.15 2.71
C GLN A 59 27.83 11.01 1.78
N MET A 60 26.53 10.75 1.67
CA MET A 60 26.06 9.71 0.75
C MET A 60 26.36 10.08 -0.70
N ARG A 61 26.24 11.36 -1.04
CA ARG A 61 26.53 11.79 -2.41
C ARG A 61 28.01 11.70 -2.73
N ILE A 62 28.88 11.90 -1.74
CA ILE A 62 30.32 11.81 -1.95
C ILE A 62 30.71 10.39 -2.33
N THR A 204 11.83 24.93 -7.55
CA THR A 204 10.84 24.48 -6.59
C THR A 204 10.63 22.97 -6.69
N SER A 205 11.72 22.24 -6.87
CA SER A 205 11.63 20.78 -7.00
C SER A 205 10.98 20.19 -5.76
N GLY A 206 9.98 19.33 -5.98
CA GLY A 206 9.24 18.75 -4.88
C GLY A 206 9.95 17.62 -4.17
N ILE A 207 10.92 16.98 -4.83
CA ILE A 207 11.68 15.88 -4.25
C ILE A 207 13.06 15.89 -4.87
N PHE A 208 14.05 15.46 -4.08
CA PHE A 208 15.42 15.31 -4.55
C PHE A 208 15.78 13.84 -4.56
N GLU A 209 16.57 13.44 -5.55
CA GLU A 209 16.92 12.05 -5.78
C GLU A 209 18.42 11.85 -5.72
N THR A 210 18.85 10.81 -5.01
CA THR A 210 20.26 10.45 -4.90
C THR A 210 20.43 8.99 -5.28
N LYS A 211 21.47 8.71 -6.06
CA LYS A 211 21.80 7.35 -6.48
C LYS A 211 23.23 7.04 -6.07
N PHE A 212 23.41 5.94 -5.35
CA PHE A 212 24.73 5.44 -5.00
C PHE A 212 24.76 3.94 -5.21
N GLN A 213 25.95 3.42 -5.49
CA GLN A 213 26.15 2.00 -5.76
C GLN A 213 27.06 1.40 -4.69
N VAL A 214 26.71 0.22 -4.23
CA VAL A 214 27.46 -0.50 -3.20
C VAL A 214 27.60 -1.95 -3.65
N ASP A 215 28.81 -2.34 -4.01
CA ASP A 215 29.10 -3.72 -4.40
C ASP A 215 28.18 -4.16 -5.54
N LYS A 216 28.00 -3.29 -6.53
CA LYS A 216 27.17 -3.55 -7.71
C LYS A 216 25.69 -3.59 -7.39
N VAL A 217 25.28 -3.09 -6.23
CA VAL A 217 23.87 -2.96 -5.88
C VAL A 217 23.48 -1.49 -6.00
N ASN A 218 22.25 -1.24 -6.43
CA ASN A 218 21.77 0.10 -6.73
C ASN A 218 20.73 0.53 -5.70
N PHE A 219 20.92 1.72 -5.14
CA PHE A 219 20.01 2.30 -4.15
C PHE A 219 19.53 3.65 -4.64
N HIS A 220 18.27 3.96 -4.36
CA HIS A 220 17.65 5.23 -4.71
C HIS A 220 17.13 5.87 -3.44
N MET A 221 17.70 7.01 -3.06
CA MET A 221 17.33 7.72 -1.84
C MET A 221 16.58 8.99 -2.23
N PHE A 222 15.34 9.11 -1.76
CA PHE A 222 14.45 10.21 -2.13
C PHE A 222 14.29 11.14 -0.95
N ASP A 223 14.75 12.37 -1.10
CA ASP A 223 14.71 13.38 -0.05
C ASP A 223 13.62 14.39 -0.40
N VAL A 224 12.64 14.53 0.50
CA VAL A 224 11.52 15.44 0.26
C VAL A 224 11.97 16.87 0.52
N GLY A 225 11.72 17.75 -0.44
CA GLY A 225 12.06 19.16 -0.29
C GLY A 225 11.09 20.02 -1.04
N ALA A 226 10.85 21.22 -0.51
CA ALA A 226 9.92 22.18 -1.11
C ALA A 226 8.48 21.66 -1.08
N GLN A 227 8.03 21.26 0.10
CA GLN A 227 6.65 20.87 0.33
C GLN A 227 6.18 21.50 1.63
N ARG A 228 4.87 21.71 1.74
CA ARG A 228 4.31 22.27 2.96
C ARG A 228 4.53 21.30 4.12
N ASP A 229 4.22 21.77 5.33
CA ASP A 229 4.54 21.05 6.55
C ASP A 229 3.52 19.97 6.90
N GLU A 230 2.43 19.86 6.15
CA GLU A 230 1.50 18.75 6.35
C GLU A 230 1.99 17.52 5.62
N ARG A 231 1.89 16.35 6.27
CA ARG A 231 2.50 15.14 5.78
C ARG A 231 1.52 14.00 5.51
N ARG A 232 0.29 14.08 6.00
CA ARG A 232 -0.57 12.90 5.98
C ARG A 232 -0.99 12.47 4.58
N LYS A 233 -0.71 13.28 3.56
CA LYS A 233 -1.12 12.96 2.19
C LYS A 233 0.03 12.43 1.33
N TRP A 234 1.15 13.14 1.26
CA TRP A 234 2.25 12.67 0.40
C TRP A 234 3.12 11.62 1.08
N ILE A 235 2.82 11.25 2.33
CA ILE A 235 3.54 10.14 2.96
C ILE A 235 3.05 8.78 2.49
N GLN A 236 1.91 8.74 1.79
CA GLN A 236 1.41 7.48 1.25
C GLN A 236 2.05 7.10 -0.08
N CYS A 237 2.83 8.00 -0.68
CA CYS A 237 3.52 7.71 -1.92
C CYS A 237 4.72 6.80 -1.72
N PHE A 238 5.08 6.50 -0.48
CA PHE A 238 6.29 5.73 -0.15
C PHE A 238 5.94 4.44 0.56
N ASN A 239 4.93 3.73 0.07
CA ASN A 239 4.50 2.49 0.70
C ASN A 239 5.45 1.33 0.36
N ASP A 240 6.08 1.38 -0.81
CA ASP A 240 6.85 0.25 -1.34
C ASP A 240 8.35 0.50 -1.31
N VAL A 241 8.83 1.28 -0.36
CA VAL A 241 10.27 1.46 -0.17
C VAL A 241 10.75 0.41 0.82
N THR A 242 11.98 -0.07 0.63
CA THR A 242 12.53 -1.07 1.54
C THR A 242 12.70 -0.50 2.95
N ALA A 243 13.21 0.72 3.06
CA ALA A 243 13.56 1.27 4.36
C ALA A 243 13.33 2.78 4.38
N ILE A 244 13.17 3.30 5.59
CA ILE A 244 13.12 4.73 5.86
C ILE A 244 14.32 5.07 6.73
N ILE A 245 15.09 6.07 6.33
CA ILE A 245 16.28 6.51 7.07
C ILE A 245 15.86 7.72 7.89
N PHE A 246 15.57 7.50 9.17
CA PHE A 246 15.06 8.53 10.07
C PHE A 246 16.23 9.11 10.87
N VAL A 247 16.58 10.35 10.59
CA VAL A 247 17.71 11.02 11.23
C VAL A 247 17.17 11.94 12.32
N VAL A 248 17.59 11.71 13.57
CA VAL A 248 17.14 12.48 14.72
C VAL A 248 18.36 12.91 15.51
N ALA A 249 18.47 14.20 15.80
CA ALA A 249 19.58 14.73 16.57
C ALA A 249 19.35 14.47 18.04
N SER A 250 20.18 13.59 18.63
CA SER A 250 20.02 13.25 20.04
C SER A 250 20.48 14.35 20.96
N SER A 251 21.35 15.24 20.50
CA SER A 251 21.83 16.36 21.31
C SER A 251 20.96 17.60 21.08
N SER A 252 19.65 17.45 21.26
CA SER A 252 18.73 18.57 21.06
C SER A 252 17.57 18.56 22.04
N TYR A 253 17.73 17.91 23.20
CA TYR A 253 16.69 17.96 24.21
C TYR A 253 16.55 19.37 24.75
N ASN A 254 15.33 19.71 25.16
CA ASN A 254 15.05 21.05 25.65
C ASN A 254 15.87 21.34 26.91
N THR A 263 12.24 24.48 22.91
CA THR A 263 11.28 23.52 22.38
C THR A 263 11.81 22.10 22.46
N ASN A 264 10.93 21.14 22.75
CA ASN A 264 11.32 19.75 22.90
C ASN A 264 11.44 19.10 21.51
N ARG A 265 12.59 19.32 20.89
CA ARG A 265 12.85 18.72 19.59
C ARG A 265 12.85 17.20 19.66
N LEU A 266 13.42 16.65 20.73
CA LEU A 266 13.44 15.20 20.89
C LEU A 266 12.02 14.65 20.99
N GLN A 267 11.15 15.33 21.74
CA GLN A 267 9.77 14.87 21.86
C GLN A 267 9.04 15.00 20.54
N ALA A 268 9.29 16.06 19.78
CA ALA A 268 8.69 16.18 18.46
C ALA A 268 9.13 15.04 17.54
N ALA A 269 10.42 14.70 17.57
CA ALA A 269 10.93 13.59 16.78
C ALA A 269 10.30 12.27 17.21
N LEU A 270 10.13 12.07 18.51
CA LEU A 270 9.49 10.86 19.00
C LEU A 270 8.05 10.77 18.53
N LYS A 271 7.32 11.89 18.56
CA LYS A 271 5.94 11.88 18.08
C LYS A 271 5.88 11.56 16.58
N LEU A 272 6.79 12.15 15.80
CA LEU A 272 6.81 11.86 14.37
C LEU A 272 7.11 10.38 14.13
N PHE A 273 8.08 9.83 14.87
CA PHE A 273 8.40 8.41 14.73
C PHE A 273 7.19 7.54 15.07
N ASP A 274 6.49 7.87 16.15
CA ASP A 274 5.33 7.08 16.55
C ASP A 274 4.25 7.11 15.48
N SER A 275 3.98 8.28 14.92
CA SER A 275 2.95 8.39 13.88
C SER A 275 3.34 7.59 12.63
N ILE A 276 4.60 7.74 12.20
CA ILE A 276 5.05 7.00 11.02
C ILE A 276 5.00 5.50 11.27
N TRP A 277 5.41 5.08 12.46
CA TRP A 277 5.40 3.66 12.80
C TRP A 277 4.00 3.09 12.74
N ASN A 278 3.01 3.84 13.24
CA ASN A 278 1.66 3.31 13.34
C ASN A 278 0.76 3.66 12.15
N ASN A 279 1.26 4.38 11.16
CA ASN A 279 0.48 4.63 9.95
C ASN A 279 0.03 3.32 9.32
N LYS A 280 -1.02 3.40 8.50
CA LYS A 280 -1.66 2.21 7.96
C LYS A 280 -1.08 1.76 6.63
N TRP A 281 -0.51 2.68 5.85
CA TRP A 281 0.14 2.32 4.60
C TRP A 281 1.65 2.14 4.74
N LEU A 282 2.18 2.28 5.95
CA LEU A 282 3.59 2.07 6.25
C LEU A 282 3.76 1.07 7.39
N ARG A 283 2.95 0.02 7.39
CA ARG A 283 2.97 -0.98 8.44
C ARG A 283 3.85 -2.18 8.11
N ASP A 284 4.55 -2.15 6.98
CA ASP A 284 5.50 -3.19 6.62
C ASP A 284 6.83 -2.60 6.17
N THR A 285 7.11 -1.37 6.57
CA THR A 285 8.37 -0.70 6.27
C THR A 285 9.23 -0.65 7.53
N SER A 286 10.54 -0.78 7.36
CA SER A 286 11.48 -0.78 8.47
C SER A 286 12.28 0.50 8.48
N VAL A 287 12.62 0.96 9.69
CA VAL A 287 13.25 2.25 9.90
C VAL A 287 14.70 2.04 10.29
N ILE A 288 15.60 2.75 9.63
CA ILE A 288 17.02 2.73 9.95
C ILE A 288 17.30 4.03 10.68
N LEU A 289 17.26 3.98 12.01
CA LEU A 289 17.29 5.18 12.84
C LEU A 289 18.74 5.61 13.09
N PHE A 290 19.07 6.82 12.68
CA PHE A 290 20.38 7.42 12.91
C PHE A 290 20.27 8.42 14.05
N LEU A 291 21.06 8.22 15.10
CA LEU A 291 21.06 9.11 16.26
C LEU A 291 22.30 10.01 16.13
N ASN A 292 22.09 11.18 15.52
CA ASN A 292 23.18 12.03 15.07
C ASN A 292 23.72 12.90 16.21
N LYS A 293 24.77 13.66 15.89
CA LYS A 293 25.35 14.66 16.80
C LYS A 293 25.77 14.03 18.13
N GLN A 294 26.41 12.86 18.04
CA GLN A 294 26.90 12.20 19.24
C GLN A 294 27.98 13.02 19.93
N ASP A 295 28.86 13.64 19.14
CA ASP A 295 29.92 14.45 19.74
C ASP A 295 29.34 15.64 20.50
N LEU A 296 28.33 16.31 19.91
CA LEU A 296 27.70 17.42 20.59
C LEU A 296 26.99 16.95 21.86
N LEU A 297 26.31 15.80 21.78
CA LEU A 297 25.66 15.26 22.97
C LEU A 297 26.68 15.02 24.08
N ALA A 298 27.80 14.38 23.74
CA ALA A 298 28.81 14.08 24.76
C ALA A 298 29.36 15.37 25.35
N GLU A 299 29.68 16.35 24.50
CA GLU A 299 30.23 17.60 24.99
C GLU A 299 29.24 18.31 25.91
N LYS A 300 27.95 18.31 25.54
CA LYS A 300 26.96 18.99 26.37
C LYS A 300 26.77 18.30 27.71
N VAL A 301 26.65 16.97 27.71
CA VAL A 301 26.39 16.26 28.95
C VAL A 301 27.61 16.29 29.87
N LEU A 302 28.80 16.11 29.32
CA LEU A 302 29.99 15.97 30.16
C LEU A 302 30.30 17.24 30.94
N ALA A 303 29.83 18.40 30.48
CA ALA A 303 30.14 19.66 31.15
C ALA A 303 28.98 20.62 30.94
N GLY A 304 28.24 20.88 32.01
CA GLY A 304 27.13 21.83 31.94
C GLY A 304 26.07 21.49 32.96
N LYS A 305 25.09 22.39 33.05
CA LYS A 305 23.96 22.24 33.95
C LYS A 305 22.70 21.74 33.25
N SER A 306 22.82 21.31 32.00
CA SER A 306 21.68 20.78 31.26
C SER A 306 21.32 19.41 31.82
N LYS A 307 20.11 19.28 32.36
CA LYS A 307 19.65 18.06 33.01
C LYS A 307 18.53 17.45 32.20
N ILE A 308 18.71 16.19 31.78
CA ILE A 308 17.68 15.52 30.98
C ILE A 308 16.44 15.25 31.84
N GLU A 309 16.63 14.92 33.12
CA GLU A 309 15.50 14.59 33.98
C GLU A 309 14.49 15.73 34.08
N ASP A 310 14.92 16.97 33.78
CA ASP A 310 13.96 18.07 33.75
C ASP A 310 12.90 17.85 32.68
N TYR A 311 13.30 17.32 31.52
CA TYR A 311 12.40 17.14 30.39
C TYR A 311 12.02 15.68 30.16
N PHE A 312 12.78 14.73 30.69
CA PHE A 312 12.44 13.31 30.65
C PHE A 312 12.59 12.80 32.08
N PRO A 313 11.57 12.96 32.91
CA PRO A 313 11.75 12.68 34.35
C PRO A 313 12.17 11.25 34.65
N GLU A 314 11.81 10.29 33.79
CA GLU A 314 12.18 8.90 34.02
C GLU A 314 13.69 8.67 33.94
N PHE A 315 14.45 9.62 33.40
CA PHE A 315 15.89 9.42 33.28
C PHE A 315 16.56 9.25 34.63
N ALA A 316 15.92 9.70 35.71
CA ALA A 316 16.51 9.52 37.04
C ALA A 316 16.67 8.05 37.36
N ARG A 317 15.63 7.26 37.13
CA ARG A 317 15.65 5.83 37.44
C ARG A 317 15.98 5.02 36.19
N TYR A 318 17.14 5.31 35.60
CA TYR A 318 17.62 4.59 34.43
C TYR A 318 19.10 4.31 34.59
N THR A 319 19.50 3.08 34.29
CA THR A 319 20.90 2.67 34.32
C THR A 319 21.23 1.91 33.05
N THR A 320 22.46 2.09 32.57
CA THR A 320 22.93 1.48 31.33
C THR A 320 22.47 0.02 31.22
N PRO A 321 22.01 -0.42 30.05
CA PRO A 321 21.55 -1.80 29.93
C PRO A 321 22.70 -2.79 30.00
N GLU A 322 22.34 -4.06 30.22
CA GLU A 322 23.34 -5.10 30.35
C GLU A 322 24.13 -5.27 29.05
N ASP A 323 23.45 -5.24 27.91
CA ASP A 323 24.09 -5.48 26.62
C ASP A 323 24.79 -4.24 26.06
N ALA A 324 25.00 -3.21 26.87
CA ALA A 324 25.65 -2.00 26.38
C ALA A 324 27.09 -2.30 25.98
N THR A 325 27.56 -1.59 24.96
CA THR A 325 28.92 -1.73 24.45
C THR A 325 29.54 -0.35 24.40
N PRO A 326 29.92 0.20 25.55
CA PRO A 326 30.48 1.55 25.57
C PRO A 326 31.78 1.63 24.78
N GLU A 327 32.00 2.75 24.12
CA GLU A 327 33.24 2.96 23.41
C GLU A 327 34.36 3.17 24.42
N PRO A 328 35.45 2.41 24.36
CA PRO A 328 36.53 2.59 25.33
C PRO A 328 37.07 4.02 25.30
N GLY A 329 36.89 4.72 26.42
CA GLY A 329 37.29 6.11 26.52
C GLY A 329 36.11 7.05 26.53
N GLU A 330 34.99 6.59 27.11
CA GLU A 330 33.77 7.38 27.19
C GLU A 330 33.24 7.36 28.62
N ASP A 331 32.60 8.45 29.02
CA ASP A 331 32.12 8.58 30.38
C ASP A 331 30.87 7.72 30.59
N PRO A 332 30.72 7.14 31.79
CA PRO A 332 29.46 6.43 32.09
C PRO A 332 28.24 7.31 31.92
N ARG A 333 28.34 8.60 32.25
CA ARG A 333 27.20 9.49 32.09
C ARG A 333 26.83 9.63 30.62
N VAL A 334 27.82 9.81 29.74
CA VAL A 334 27.53 9.93 28.31
C VAL A 334 26.91 8.65 27.79
N THR A 335 27.48 7.49 28.17
CA THR A 335 26.92 6.23 27.72
C THR A 335 25.48 6.06 28.21
N ARG A 336 25.22 6.42 29.47
CA ARG A 336 23.88 6.31 30.02
C ARG A 336 22.89 7.18 29.26
N ALA A 337 23.27 8.42 28.97
CA ALA A 337 22.37 9.30 28.22
C ALA A 337 22.09 8.75 26.83
N LYS A 338 23.14 8.33 26.13
CA LYS A 338 22.95 7.78 24.78
C LYS A 338 21.99 6.61 24.80
N TYR A 339 22.21 5.67 25.70
CA TYR A 339 21.38 4.48 25.70
C TYR A 339 19.98 4.77 26.22
N PHE A 340 19.82 5.79 27.05
CA PHE A 340 18.47 6.20 27.44
C PHE A 340 17.69 6.71 26.24
N ILE A 341 18.33 7.55 25.41
CA ILE A 341 17.63 8.05 24.23
C ILE A 341 17.30 6.91 23.27
N ARG A 342 18.25 6.01 23.06
CA ARG A 342 17.99 4.88 22.18
C ARG A 342 16.85 4.01 22.70
N ASP A 343 16.82 3.79 24.02
CA ASP A 343 15.74 3.00 24.60
C ASP A 343 14.41 3.71 24.50
N GLU A 344 14.40 5.04 24.61
CA GLU A 344 13.18 5.81 24.39
C GLU A 344 12.64 5.58 23.00
N PHE A 345 13.52 5.57 22.00
CA PHE A 345 13.07 5.34 20.63
C PHE A 345 12.65 3.88 20.40
N LEU A 346 13.31 2.93 21.06
CA LEU A 346 12.97 1.53 20.90
C LEU A 346 11.69 1.12 21.60
N ARG A 347 11.31 1.86 22.65
CA ARG A 347 10.09 1.51 23.38
C ARG A 347 8.86 1.58 22.49
N ILE A 348 8.86 2.50 21.52
CA ILE A 348 7.73 2.61 20.62
C ILE A 348 7.70 1.44 19.65
N SER A 349 8.85 1.14 19.03
CA SER A 349 8.89 0.16 17.94
C SER A 349 8.74 -1.27 18.44
N THR A 350 9.42 -1.63 19.53
CA THR A 350 9.33 -2.99 20.02
C THR A 350 7.96 -3.32 20.60
N ALA A 351 7.10 -2.32 20.81
CA ALA A 351 5.79 -2.55 21.39
C ALA A 351 4.76 -3.00 20.36
N SER A 352 5.09 -3.00 19.07
CA SER A 352 4.15 -3.42 18.05
C SER A 352 3.78 -4.89 18.21
N GLY A 353 4.79 -5.75 18.38
CA GLY A 353 4.53 -7.17 18.50
C GLY A 353 3.88 -7.77 17.27
N ASP A 354 4.38 -7.43 16.08
CA ASP A 354 3.83 -7.90 14.82
C ASP A 354 4.77 -8.82 14.05
N GLY A 355 6.01 -8.39 13.84
CA GLY A 355 6.99 -9.18 13.11
C GLY A 355 7.17 -8.80 11.67
N ARG A 356 6.40 -7.84 11.15
CA ARG A 356 6.48 -7.45 9.75
C ARG A 356 7.45 -6.30 9.50
N HIS A 357 8.00 -5.69 10.51
CA HIS A 357 8.97 -4.58 10.36
C HIS A 357 9.74 -4.44 11.66
N TYR A 358 10.98 -3.97 11.63
CA TYR A 358 11.78 -3.73 12.82
C TYR A 358 12.54 -2.42 12.65
N CYS A 359 13.18 -1.98 13.73
CA CYS A 359 14.00 -0.78 13.74
C CYS A 359 15.47 -1.15 13.89
N TYR A 360 16.33 -0.37 13.26
CA TYR A 360 17.78 -0.61 13.27
C TYR A 360 18.48 0.67 13.72
N PRO A 361 18.75 0.81 15.02
CA PRO A 361 19.40 2.04 15.50
C PRO A 361 20.91 2.01 15.42
N HIS A 362 21.47 3.19 15.15
CA HIS A 362 22.91 3.39 15.10
C HIS A 362 23.25 4.69 15.80
N PHE A 363 24.47 4.77 16.33
CA PHE A 363 25.01 6.00 16.90
C PHE A 363 25.94 6.59 15.86
N THR A 364 25.53 7.71 15.27
CA THR A 364 26.16 8.25 14.09
C THR A 364 26.68 9.67 14.34
N CYS A 365 27.66 10.06 13.54
CA CYS A 365 28.07 11.45 13.41
C CYS A 365 27.89 11.88 11.97
N SER A 366 27.67 13.17 11.76
CA SER A 366 27.36 13.66 10.42
C SER A 366 28.45 13.32 9.42
N VAL A 367 29.70 13.24 9.86
CA VAL A 367 30.84 13.01 8.98
C VAL A 367 31.26 11.54 8.99
N ASP A 368 30.42 10.64 9.50
CA ASP A 368 30.76 9.23 9.51
C ASP A 368 30.85 8.70 8.08
N THR A 369 31.86 7.86 7.84
CA THR A 369 32.08 7.25 6.53
C THR A 369 31.52 5.84 6.43
N GLU A 370 30.83 5.35 7.46
CA GLU A 370 30.28 4.00 7.49
C GLU A 370 28.77 3.98 7.32
N ASN A 371 28.15 5.13 7.01
CA ASN A 371 26.71 5.20 6.93
C ASN A 371 26.16 4.40 5.75
N ILE A 372 26.83 4.46 4.60
CA ILE A 372 26.39 3.70 3.45
C ILE A 372 26.53 2.20 3.71
N ARG A 373 27.62 1.79 4.37
CA ARG A 373 27.77 0.39 4.73
C ARG A 373 26.68 -0.05 5.70
N ARG A 374 26.32 0.81 6.65
CA ARG A 374 25.25 0.48 7.58
C ARG A 374 23.92 0.32 6.85
N VAL A 375 23.64 1.21 5.89
CA VAL A 375 22.41 1.11 5.11
C VAL A 375 22.40 -0.19 4.32
N PHE A 376 23.53 -0.53 3.69
CA PHE A 376 23.65 -1.76 2.92
C PHE A 376 23.38 -2.98 3.79
N ASN A 377 24.03 -3.05 4.95
CA ASN A 377 23.87 -4.20 5.83
C ASN A 377 22.45 -4.29 6.37
N ASP A 378 21.83 -3.15 6.68
CA ASP A 378 20.46 -3.18 7.19
C ASP A 378 19.47 -3.61 6.11
N CYS A 379 19.70 -3.20 4.86
CA CYS A 379 18.84 -3.66 3.77
C CYS A 379 18.98 -5.17 3.56
N ARG A 380 20.22 -5.67 3.63
CA ARG A 380 20.44 -7.12 3.55
C ARG A 380 19.70 -7.85 4.66
N ASP A 381 19.78 -7.33 5.88
CA ASP A 381 19.08 -7.96 7.00
C ASP A 381 17.57 -7.91 6.81
N ILE A 382 17.05 -6.80 6.28
CA ILE A 382 15.61 -6.69 6.04
C ILE A 382 15.14 -7.76 5.08
N ILE A 383 15.87 -7.93 3.97
CA ILE A 383 15.47 -8.91 2.96
C ILE A 383 15.60 -10.34 3.51
N GLN A 384 16.71 -10.62 4.21
CA GLN A 384 16.89 -11.95 4.79
C GLN A 384 15.78 -12.28 5.77
N ARG A 385 15.42 -11.33 6.64
CA ARG A 385 14.36 -11.57 7.61
C ARG A 385 13.03 -11.78 6.90
N MET A 386 12.76 -11.01 5.84
CA MET A 386 11.53 -11.20 5.08
C MET A 386 11.43 -12.63 4.54
N HIS A 387 12.51 -13.10 3.90
CA HIS A 387 12.49 -14.45 3.34
C HIS A 387 12.37 -15.52 4.43
N LEU A 388 13.12 -15.36 5.52
CA LEU A 388 13.05 -16.34 6.60
C LEU A 388 11.65 -16.41 7.17
N ARG A 389 11.00 -15.27 7.38
CA ARG A 389 9.63 -15.27 7.86
C ARG A 389 8.69 -15.92 6.85
N GLN A 390 8.95 -15.69 5.56
CA GLN A 390 8.12 -16.29 4.52
C GLN A 390 8.19 -17.81 4.56
N TYR A 391 9.39 -18.37 4.74
CA TYR A 391 9.57 -19.82 4.73
C TYR A 391 9.29 -20.46 6.07
N GLU A 392 8.60 -19.78 6.98
CA GLU A 392 8.16 -20.33 8.25
C GLU A 392 9.31 -20.67 9.19
N LEU A 393 10.49 -20.09 8.97
CA LEU A 393 11.61 -20.29 9.87
C LEU A 393 11.62 -19.27 11.01
N LEU A 394 11.51 -17.99 10.67
CA LEU A 394 11.41 -16.95 11.68
C LEU A 394 9.95 -16.78 12.13
N GLU B 25 -9.88 45.67 16.78
CA GLU B 25 -10.23 45.68 15.37
C GLU B 25 -10.36 44.26 14.84
N LEU B 26 -9.35 43.43 15.14
CA LEU B 26 -9.37 42.04 14.67
C LEU B 26 -10.55 41.28 15.26
N ASP B 27 -10.81 41.46 16.57
CA ASP B 27 -11.94 40.79 17.18
C ASP B 27 -13.26 41.27 16.57
N GLN B 28 -13.34 42.54 16.20
CA GLN B 28 -14.53 43.04 15.51
C GLN B 28 -14.73 42.31 14.18
N LEU B 29 -13.65 42.10 13.44
CA LEU B 29 -13.75 41.37 12.18
C LEU B 29 -14.19 39.92 12.43
N ARG B 30 -13.64 39.29 13.46
CA ARG B 30 -14.04 37.92 13.78
C ARG B 30 -15.53 37.84 14.10
N GLN B 31 -16.02 38.78 14.92
CA GLN B 31 -17.44 38.76 15.28
C GLN B 31 -18.32 39.04 14.07
N GLU B 32 -17.89 39.95 13.20
CA GLU B 32 -18.66 40.22 11.98
C GLU B 32 -18.71 38.99 11.09
N ALA B 33 -17.58 38.27 10.97
CA ALA B 33 -17.58 37.04 10.19
C ALA B 33 -18.51 36.00 10.80
N GLU B 34 -18.52 35.89 12.12
CA GLU B 34 -19.45 34.97 12.78
C GLU B 34 -20.90 35.35 12.48
N GLN B 35 -21.21 36.64 12.53
CA GLN B 35 -22.56 37.09 12.22
C GLN B 35 -22.93 36.77 10.77
N LEU B 36 -21.99 36.96 9.84
CA LEU B 36 -22.27 36.64 8.45
C LEU B 36 -22.50 35.15 8.25
N LYS B 37 -21.73 34.32 8.95
CA LYS B 37 -21.97 32.88 8.91
C LYS B 37 -23.35 32.55 9.44
N ASN B 38 -23.76 33.19 10.53
CA ASN B 38 -25.09 32.96 11.06
C ASN B 38 -26.16 33.37 10.05
N GLN B 39 -25.95 34.50 9.37
CA GLN B 39 -26.91 34.94 8.37
C GLN B 39 -27.04 33.93 7.23
N ILE B 40 -25.90 33.44 6.74
CA ILE B 40 -25.93 32.46 5.66
C ILE B 40 -26.63 31.19 6.11
N ARG B 41 -26.34 30.73 7.33
CA ARG B 41 -27.00 29.53 7.83
C ARG B 41 -28.50 29.74 7.94
N ASP B 42 -28.93 30.91 8.42
CA ASP B 42 -30.37 31.19 8.51
C ASP B 42 -31.01 31.20 7.14
N ALA B 43 -30.35 31.80 6.15
CA ALA B 43 -30.90 31.81 4.80
C ALA B 43 -31.05 30.39 4.25
N ARG B 44 -30.02 29.57 4.42
CA ARG B 44 -30.08 28.20 3.93
C ARG B 44 -31.19 27.42 4.63
N LYS B 45 -31.32 27.59 5.94
CA LYS B 45 -32.39 26.91 6.66
C LYS B 45 -33.76 27.36 6.17
N ALA B 46 -33.90 28.65 5.87
CA ALA B 46 -35.17 29.14 5.33
C ALA B 46 -35.48 28.51 3.98
N CYS B 47 -34.46 28.38 3.12
CA CYS B 47 -34.71 27.87 1.77
C CYS B 47 -35.23 26.44 1.79
N ALA B 48 -34.67 25.60 2.67
CA ALA B 48 -35.09 24.20 2.74
C ALA B 48 -36.56 24.11 3.13
N ASP B 49 -37.31 23.28 2.40
CA ASP B 49 -38.71 23.00 2.74
C ASP B 49 -39.07 21.53 2.68
N ALA B 50 -38.34 20.70 1.95
CA ALA B 50 -38.58 19.27 1.91
C ALA B 50 -37.30 18.57 1.49
N THR B 51 -37.22 17.29 1.81
CA THR B 51 -36.01 16.51 1.56
C THR B 51 -36.08 15.83 0.20
N LEU B 52 -34.90 15.65 -0.40
CA LEU B 52 -34.82 14.91 -1.66
C LEU B 52 -35.39 13.51 -1.50
N SER B 53 -35.19 12.90 -0.32
CA SER B 53 -35.76 11.58 -0.08
C SER B 53 -37.28 11.62 -0.14
N GLN B 54 -37.89 12.65 0.46
CA GLN B 54 -39.33 12.78 0.38
C GLN B 54 -39.79 13.02 -1.06
N ILE B 55 -39.06 13.86 -1.80
CA ILE B 55 -39.47 14.19 -3.16
C ILE B 55 -39.43 12.95 -4.04
N THR B 56 -38.31 12.24 -4.02
CA THR B 56 -38.13 11.04 -4.85
C THR B 56 -38.46 9.78 -4.06
N ASN B 57 -39.71 9.72 -3.57
CA ASN B 57 -40.17 8.59 -2.77
C ASN B 57 -40.94 7.58 -3.60
N ASN B 58 -41.94 8.03 -4.36
CA ASN B 58 -42.77 7.11 -5.13
C ASN B 58 -42.02 6.51 -6.32
N ILE B 59 -40.87 7.05 -6.70
CA ILE B 59 -40.13 6.51 -7.84
C ILE B 59 -39.73 5.07 -7.54
N ASP B 60 -39.86 4.21 -8.56
CA ASP B 60 -39.55 2.80 -8.38
C ASP B 60 -38.04 2.61 -8.22
N PRO B 61 -37.61 1.70 -7.36
CA PRO B 61 -36.17 1.44 -7.22
C PRO B 61 -35.57 0.86 -8.49
N VAL B 62 -34.28 1.11 -8.68
CA VAL B 62 -33.60 0.63 -9.89
C VAL B 62 -33.59 -0.89 -9.92
N GLY B 63 -33.66 -1.54 -8.75
CA GLY B 63 -33.65 -2.99 -8.68
C GLY B 63 -32.33 -3.52 -8.21
N ARG B 64 -31.55 -4.10 -9.12
CA ARG B 64 -30.22 -4.61 -8.79
C ARG B 64 -29.36 -4.57 -10.03
N ILE B 65 -28.09 -4.21 -9.85
CA ILE B 65 -27.13 -4.07 -10.93
C ILE B 65 -26.02 -5.09 -10.70
N GLN B 66 -25.75 -5.90 -11.73
CA GLN B 66 -24.70 -6.93 -11.65
C GLN B 66 -23.83 -6.80 -12.91
N MET B 67 -22.82 -5.95 -12.84
CA MET B 67 -21.87 -5.83 -13.93
C MET B 67 -20.81 -6.93 -13.83
N ARG B 68 -20.12 -7.16 -14.93
CA ARG B 68 -19.13 -8.21 -15.01
C ARG B 68 -17.89 -7.71 -15.73
N THR B 69 -16.74 -8.21 -15.32
CA THR B 69 -15.46 -7.81 -15.90
C THR B 69 -15.39 -8.30 -17.34
N ARG B 70 -15.40 -7.37 -18.29
CA ARG B 70 -15.27 -7.70 -19.70
C ARG B 70 -13.83 -7.70 -20.18
N ARG B 71 -12.94 -6.98 -19.51
CA ARG B 71 -11.54 -6.92 -19.89
C ARG B 71 -10.68 -6.90 -18.63
N THR B 72 -9.38 -7.09 -18.82
CA THR B 72 -8.40 -6.96 -17.74
C THR B 72 -7.07 -6.62 -18.39
N LEU B 73 -6.57 -5.42 -18.13
CA LEU B 73 -5.40 -4.89 -18.82
C LEU B 73 -4.16 -5.09 -17.95
N ARG B 74 -3.13 -5.71 -18.54
CA ARG B 74 -1.89 -6.04 -17.84
C ARG B 74 -0.72 -5.40 -18.55
N GLY B 75 0.31 -5.05 -17.77
CA GLY B 75 1.49 -4.43 -18.33
C GLY B 75 2.14 -3.39 -17.43
N HIS B 76 1.50 -3.05 -16.33
CA HIS B 76 2.06 -2.11 -15.36
C HIS B 76 2.85 -2.90 -14.33
N LEU B 77 4.05 -2.39 -13.98
CA LEU B 77 4.92 -3.11 -13.07
C LEU B 77 4.57 -2.86 -11.61
N ALA B 78 3.74 -1.85 -11.33
CA ALA B 78 3.42 -1.48 -9.95
C ALA B 78 1.97 -1.05 -9.82
N LYS B 79 1.64 -0.40 -8.69
CA LYS B 79 0.27 0.06 -8.33
C LYS B 79 -0.15 1.27 -9.16
N ILE B 80 -1.39 1.30 -9.64
CA ILE B 80 -1.91 2.32 -10.54
C ILE B 80 -2.51 3.44 -9.72
N TYR B 81 -2.21 4.68 -10.11
CA TYR B 81 -2.67 5.86 -9.37
C TYR B 81 -3.80 6.62 -10.07
N ALA B 82 -3.86 6.60 -11.40
CA ALA B 82 -4.86 7.39 -12.10
C ALA B 82 -5.16 6.79 -13.46
N MET B 83 -6.32 7.14 -14.00
CA MET B 83 -6.68 6.81 -15.38
C MET B 83 -7.75 7.80 -15.85
N HIS B 84 -7.69 8.12 -17.14
CA HIS B 84 -8.68 9.02 -17.75
C HIS B 84 -9.13 8.45 -19.08
N TRP B 85 -10.45 8.44 -19.30
CA TRP B 85 -11.02 7.94 -20.54
C TRP B 85 -10.82 8.93 -21.68
N GLY B 86 -10.86 8.42 -22.90
CA GLY B 86 -10.83 9.27 -24.08
C GLY B 86 -12.23 9.68 -24.52
N THR B 87 -12.29 10.74 -25.32
CA THR B 87 -13.58 11.24 -25.78
C THR B 87 -14.30 10.27 -26.71
N ASP B 88 -13.55 9.37 -27.34
CA ASP B 88 -14.14 8.40 -28.26
C ASP B 88 -14.63 7.14 -27.56
N SER B 89 -14.42 7.01 -26.25
CA SER B 89 -14.88 5.87 -25.46
C SER B 89 -14.19 4.57 -25.83
N ARG B 90 -13.02 4.65 -26.44
CA ARG B 90 -12.25 3.46 -26.83
C ARG B 90 -10.85 3.43 -26.25
N LEU B 91 -10.14 4.55 -26.24
CA LEU B 91 -8.80 4.64 -25.70
C LEU B 91 -8.84 5.20 -24.29
N LEU B 92 -7.77 4.93 -23.54
CA LEU B 92 -7.62 5.48 -22.19
C LEU B 92 -6.14 5.50 -21.84
N VAL B 93 -5.81 6.32 -20.84
CA VAL B 93 -4.44 6.46 -20.36
C VAL B 93 -4.44 6.15 -18.87
N SER B 94 -3.30 5.66 -18.38
CA SER B 94 -3.14 5.33 -16.97
C SER B 94 -1.73 5.68 -16.52
N ALA B 95 -1.58 5.90 -15.21
CA ALA B 95 -0.30 6.22 -14.59
C ALA B 95 -0.03 5.27 -13.44
N SER B 96 1.25 4.92 -13.26
CA SER B 96 1.63 3.91 -12.29
C SER B 96 2.84 4.35 -11.49
N GLN B 97 3.06 3.62 -10.38
CA GLN B 97 4.21 3.88 -9.52
C GLN B 97 5.53 3.59 -10.23
N ASP B 98 5.51 2.70 -11.23
CA ASP B 98 6.74 2.32 -11.91
C ASP B 98 7.26 3.47 -12.78
N GLY B 99 6.49 4.54 -12.91
CA GLY B 99 6.91 5.67 -13.70
C GLY B 99 6.61 5.54 -15.18
N LYS B 100 5.45 4.95 -15.51
CA LYS B 100 5.08 4.69 -16.89
C LYS B 100 3.68 5.22 -17.18
N LEU B 101 3.53 5.87 -18.32
CA LEU B 101 2.24 6.27 -18.86
C LEU B 101 1.92 5.36 -20.04
N ILE B 102 0.76 4.70 -20.01
CA ILE B 102 0.40 3.70 -21.01
C ILE B 102 -0.95 4.09 -21.62
N ILE B 103 -1.04 3.99 -22.94
CA ILE B 103 -2.26 4.26 -23.69
C ILE B 103 -2.77 2.93 -24.23
N TRP B 104 -3.93 2.49 -23.77
CA TRP B 104 -4.48 1.21 -24.16
C TRP B 104 -5.47 1.35 -25.31
N ASP B 105 -5.91 0.19 -25.82
CA ASP B 105 -7.07 0.08 -26.68
C ASP B 105 -8.08 -0.79 -25.96
N SER B 106 -9.18 -0.20 -25.52
CA SER B 106 -10.10 -0.91 -24.64
C SER B 106 -10.72 -2.13 -25.32
N TYR B 107 -11.07 -1.99 -26.61
CA TYR B 107 -11.77 -3.06 -27.30
C TYR B 107 -10.88 -4.29 -27.46
N THR B 108 -9.67 -4.09 -27.98
CA THR B 108 -8.76 -5.20 -28.27
C THR B 108 -7.77 -5.49 -27.15
N THR B 109 -7.44 -4.50 -26.33
CA THR B 109 -6.48 -4.60 -25.22
C THR B 109 -5.03 -4.48 -25.67
N ASN B 110 -4.77 -4.13 -26.92
CA ASN B 110 -3.40 -3.95 -27.38
C ASN B 110 -2.90 -2.57 -26.97
N LYS B 111 -1.73 -2.52 -26.34
CA LYS B 111 -1.15 -1.25 -25.96
C LYS B 111 -0.81 -0.43 -27.20
N VAL B 112 -0.94 0.88 -27.08
CA VAL B 112 -0.65 1.79 -28.18
C VAL B 112 0.55 2.68 -27.89
N HIS B 113 0.83 2.99 -26.62
CA HIS B 113 1.97 3.80 -26.26
C HIS B 113 2.41 3.42 -24.86
N ALA B 114 3.66 3.76 -24.55
CA ALA B 114 4.20 3.59 -23.19
C ALA B 114 5.25 4.67 -23.00
N ILE B 115 4.87 5.76 -22.36
CA ILE B 115 5.73 6.94 -22.20
C ILE B 115 6.48 6.79 -20.88
N PRO B 116 7.82 6.85 -20.88
CA PRO B 116 8.56 6.81 -19.61
C PRO B 116 8.67 8.20 -19.00
N LEU B 117 8.23 8.33 -17.75
CA LEU B 117 8.26 9.59 -17.04
C LEU B 117 9.60 9.78 -16.34
N ARG B 118 9.95 11.05 -16.11
CA ARG B 118 11.17 11.38 -15.40
C ARG B 118 11.05 11.21 -13.88
N SER B 119 9.83 11.07 -13.36
CA SER B 119 9.62 10.87 -11.93
C SER B 119 8.61 9.75 -11.73
N SER B 120 8.82 8.96 -10.68
CA SER B 120 7.95 7.83 -10.38
C SER B 120 6.81 8.17 -9.45
N TRP B 121 6.77 9.40 -8.92
CA TRP B 121 5.71 9.82 -8.00
C TRP B 121 4.74 10.67 -8.80
N VAL B 122 3.75 10.00 -9.40
CA VAL B 122 2.74 10.64 -10.24
C VAL B 122 1.37 10.36 -9.62
N MET B 123 0.56 11.40 -9.50
CA MET B 123 -0.73 11.28 -8.81
C MET B 123 -1.93 11.48 -9.72
N THR B 124 -1.73 11.89 -10.97
CA THR B 124 -2.87 12.19 -11.84
C THR B 124 -2.45 12.10 -13.29
N CYS B 125 -3.44 11.91 -14.16
CA CYS B 125 -3.24 11.90 -15.61
C CYS B 125 -4.52 12.38 -16.28
N ALA B 126 -4.39 12.91 -17.49
CA ALA B 126 -5.53 13.41 -18.26
C ALA B 126 -5.26 13.25 -19.75
N TYR B 127 -6.34 13.20 -20.52
CA TYR B 127 -6.28 13.11 -21.98
C TYR B 127 -7.05 14.28 -22.59
N ALA B 128 -6.46 14.88 -23.63
CA ALA B 128 -7.08 16.03 -24.25
C ALA B 128 -8.40 15.64 -24.93
N PRO B 129 -9.37 16.55 -24.96
CA PRO B 129 -10.63 16.22 -25.66
C PRO B 129 -10.43 15.92 -27.14
N SER B 130 -9.43 16.55 -27.78
CA SER B 130 -9.12 16.23 -29.16
C SER B 130 -8.52 14.83 -29.27
N GLY B 131 -7.65 14.46 -28.35
CA GLY B 131 -7.00 13.17 -28.38
C GLY B 131 -5.56 13.24 -28.84
N ASN B 132 -5.00 14.45 -28.86
CA ASN B 132 -3.64 14.67 -29.32
C ASN B 132 -2.66 14.96 -28.18
N TYR B 133 -3.09 14.86 -26.93
CA TYR B 133 -2.22 15.18 -25.81
C TYR B 133 -2.62 14.35 -24.60
N VAL B 134 -1.67 14.22 -23.67
CA VAL B 134 -1.91 13.68 -22.35
C VAL B 134 -1.10 14.51 -21.36
N ALA B 135 -1.51 14.50 -20.10
CA ALA B 135 -0.87 15.29 -19.04
C ALA B 135 -0.48 14.38 -17.89
N CYS B 136 0.77 14.48 -17.45
CA CYS B 136 1.29 13.75 -16.30
C CYS B 136 1.16 14.66 -15.06
N GLY B 137 1.83 14.29 -13.97
CA GLY B 137 1.84 15.14 -12.79
C GLY B 137 2.49 14.41 -11.63
N GLY B 138 2.44 15.04 -10.47
CA GLY B 138 2.82 14.35 -9.25
C GLY B 138 3.66 15.22 -8.32
N LEU B 139 4.36 14.52 -7.42
CA LEU B 139 5.05 15.10 -6.28
C LEU B 139 6.21 16.01 -6.64
N ASP B 140 6.54 16.18 -7.92
CA ASP B 140 7.61 17.07 -8.33
C ASP B 140 7.11 18.50 -8.62
N ASN B 141 5.84 18.78 -8.36
CA ASN B 141 5.27 20.11 -8.49
C ASN B 141 5.13 20.55 -9.95
N ILE B 142 4.85 19.59 -10.84
CA ILE B 142 4.74 19.85 -12.27
C ILE B 142 3.75 18.85 -12.85
N CYS B 143 2.98 19.28 -13.85
CA CYS B 143 2.36 18.37 -14.80
C CYS B 143 2.85 18.72 -16.19
N SER B 144 3.38 17.71 -16.89
CA SER B 144 3.94 17.86 -18.22
C SER B 144 2.88 17.55 -19.27
N ILE B 145 3.15 17.97 -20.50
CA ILE B 145 2.26 17.74 -21.63
C ILE B 145 3.05 16.97 -22.69
N TYR B 146 2.49 15.86 -23.15
CA TYR B 146 3.12 14.98 -24.11
C TYR B 146 2.34 14.97 -25.42
N ASN B 147 3.06 15.11 -26.53
CA ASN B 147 2.45 15.16 -27.85
C ASN B 147 2.36 13.75 -28.44
N LEU B 148 1.15 13.27 -28.64
CA LEU B 148 0.93 11.93 -29.17
C LEU B 148 0.92 11.88 -30.69
N LYS B 149 0.87 13.03 -31.37
CA LYS B 149 0.71 13.10 -32.81
C LYS B 149 1.95 13.66 -33.50
N THR B 150 3.13 13.29 -33.00
CA THR B 150 4.37 13.71 -33.64
C THR B 150 4.53 13.01 -34.98
N ARG B 151 5.02 13.75 -35.97
CA ARG B 151 5.22 13.17 -37.30
C ARG B 151 6.22 12.02 -37.24
N GLU B 152 7.30 12.20 -36.47
CA GLU B 152 8.31 11.15 -36.35
C GLU B 152 7.76 9.88 -35.71
N GLY B 153 6.61 9.97 -35.05
CA GLY B 153 6.04 8.83 -34.35
C GLY B 153 6.54 8.64 -32.93
N ASN B 154 7.33 9.57 -32.41
CA ASN B 154 7.86 9.48 -31.05
C ASN B 154 7.09 10.43 -30.14
N VAL B 155 6.66 9.91 -29.00
CA VAL B 155 5.86 10.68 -28.04
C VAL B 155 6.84 11.49 -27.19
N ARG B 156 7.09 12.74 -27.60
CA ARG B 156 7.99 13.63 -26.89
C ARG B 156 7.21 14.55 -25.98
N VAL B 157 7.92 15.15 -25.02
CA VAL B 157 7.33 16.10 -24.08
C VAL B 157 7.33 17.48 -24.73
N SER B 158 6.15 18.12 -24.75
CA SER B 158 6.00 19.41 -25.42
C SER B 158 6.20 20.58 -24.45
N ARG B 159 5.44 20.61 -23.35
CA ARG B 159 5.49 21.71 -22.41
C ARG B 159 5.64 21.17 -20.99
N GLU B 160 6.34 21.94 -20.16
CA GLU B 160 6.52 21.63 -18.74
C GLU B 160 6.14 22.86 -17.94
N LEU B 161 5.04 22.79 -17.20
CA LEU B 161 4.47 23.94 -16.53
C LEU B 161 4.86 23.91 -15.05
N ALA B 162 5.63 24.91 -14.64
CA ALA B 162 6.10 25.05 -13.27
C ALA B 162 5.52 26.31 -12.64
N GLY B 163 5.48 26.33 -11.31
CA GLY B 163 4.98 27.48 -10.60
C GLY B 163 4.24 27.15 -9.32
N HIS B 164 3.79 25.91 -9.17
CA HIS B 164 3.18 25.48 -7.92
C HIS B 164 4.26 25.17 -6.90
N THR B 165 3.98 25.46 -5.63
CA THR B 165 4.94 25.26 -4.55
C THR B 165 4.63 24.02 -3.73
N GLY B 166 3.73 23.16 -4.20
CA GLY B 166 3.43 21.90 -3.56
C GLY B 166 3.08 20.89 -4.62
N TYR B 167 2.89 19.64 -4.18
CA TYR B 167 2.63 18.58 -5.13
C TYR B 167 1.38 18.89 -5.94
N LEU B 168 1.29 18.26 -7.12
CA LEU B 168 0.14 18.44 -8.04
C LEU B 168 -0.78 17.23 -7.89
N SER B 169 -2.09 17.47 -7.74
CA SER B 169 -3.08 16.42 -7.54
C SER B 169 -4.12 16.33 -8.66
N CYS B 170 -4.16 17.30 -9.57
CA CYS B 170 -5.03 17.23 -10.74
C CYS B 170 -4.49 18.17 -11.81
N CYS B 171 -4.67 17.76 -13.07
CA CYS B 171 -4.22 18.55 -14.23
C CYS B 171 -5.18 18.19 -15.37
N ARG B 172 -6.23 19.00 -15.55
CA ARG B 172 -7.31 18.69 -16.49
C ARG B 172 -7.32 19.69 -17.64
N PHE B 173 -7.74 19.22 -18.80
CA PHE B 173 -7.72 20.00 -20.05
C PHE B 173 -9.06 20.70 -20.26
N LEU B 174 -8.99 21.94 -20.75
CA LEU B 174 -10.17 22.63 -21.26
C LEU B 174 -10.25 22.57 -22.78
N ASP B 175 -9.14 22.82 -23.45
CA ASP B 175 -8.99 22.55 -24.88
C ASP B 175 -7.52 22.21 -25.11
N ASP B 176 -7.08 22.24 -26.36
CA ASP B 176 -5.70 21.89 -26.66
C ASP B 176 -4.69 22.93 -26.18
N ASN B 177 -5.12 24.03 -25.55
CA ASN B 177 -4.19 25.11 -25.10
C ASN B 177 -4.64 25.69 -23.75
N GLN B 178 -5.45 24.97 -22.96
CA GLN B 178 -5.82 25.42 -21.63
C GLN B 178 -5.92 24.22 -20.70
N ILE B 179 -5.24 24.30 -19.56
CA ILE B 179 -5.25 23.24 -18.56
C ILE B 179 -5.49 23.86 -17.20
N VAL B 180 -6.33 23.23 -16.38
CA VAL B 180 -6.60 23.67 -15.02
C VAL B 180 -6.04 22.62 -14.08
N THR B 181 -5.15 23.04 -13.17
CA THR B 181 -4.41 22.13 -12.31
C THR B 181 -4.67 22.44 -10.84
N SER B 182 -4.82 21.39 -10.05
CA SER B 182 -4.91 21.46 -8.61
C SER B 182 -3.53 21.22 -8.01
N SER B 183 -3.35 21.65 -6.76
CA SER B 183 -2.03 21.59 -6.14
C SER B 183 -2.14 21.39 -4.65
N GLY B 184 -1.03 20.95 -4.06
CA GLY B 184 -0.94 20.75 -2.63
C GLY B 184 -0.37 21.94 -1.89
N ASP B 185 -0.41 23.12 -2.51
CA ASP B 185 -0.09 24.37 -1.86
C ASP B 185 -1.33 25.22 -1.58
N THR B 186 -2.51 24.62 -1.63
CA THR B 186 -3.81 25.22 -1.32
C THR B 186 -4.39 26.07 -2.44
N THR B 187 -3.83 26.05 -3.65
CA THR B 187 -4.31 26.89 -4.74
C THR B 187 -4.43 26.11 -6.03
N CYS B 188 -5.47 26.42 -6.80
CA CYS B 188 -5.61 25.96 -8.17
C CYS B 188 -5.09 27.03 -9.12
N ALA B 189 -4.88 26.64 -10.38
CA ALA B 189 -4.33 27.57 -11.35
C ALA B 189 -4.82 27.22 -12.75
N LEU B 190 -4.87 28.24 -13.60
CA LEU B 190 -5.19 28.09 -15.01
C LEU B 190 -3.99 28.49 -15.86
N TRP B 191 -3.60 27.59 -16.76
CA TRP B 191 -2.42 27.78 -17.58
C TRP B 191 -2.80 27.84 -19.05
N ASP B 192 -2.05 28.62 -19.81
CA ASP B 192 -2.12 28.63 -21.27
C ASP B 192 -0.83 27.97 -21.74
N ILE B 193 -0.96 26.83 -22.42
CA ILE B 193 0.18 25.96 -22.66
C ILE B 193 1.16 26.58 -23.64
N GLU B 194 0.67 27.37 -24.59
CA GLU B 194 1.53 27.87 -25.66
C GLU B 194 2.76 28.58 -25.11
N THR B 195 2.54 29.55 -24.22
CA THR B 195 3.63 30.29 -23.60
C THR B 195 4.02 29.74 -22.24
N GLY B 196 3.30 28.74 -21.73
CA GLY B 196 3.67 28.10 -20.49
C GLY B 196 3.66 29.02 -19.29
N GLN B 197 2.61 29.82 -19.14
CA GLN B 197 2.49 30.74 -18.02
C GLN B 197 1.09 30.64 -17.44
N GLN B 198 0.97 30.99 -16.16
CA GLN B 198 -0.33 31.06 -15.51
C GLN B 198 -1.13 32.23 -16.06
N THR B 199 -2.45 32.11 -15.96
CA THR B 199 -3.36 33.18 -16.32
C THR B 199 -4.26 33.60 -15.17
N THR B 200 -4.54 32.72 -14.23
CA THR B 200 -5.34 33.05 -13.05
C THR B 200 -4.90 32.16 -11.91
N THR B 201 -5.14 32.62 -10.69
CA THR B 201 -4.90 31.84 -9.49
C THR B 201 -6.16 31.85 -8.64
N PHE B 202 -6.49 30.69 -8.07
CA PHE B 202 -7.73 30.49 -7.34
C PHE B 202 -7.38 30.22 -5.88
N THR B 203 -7.26 31.29 -5.10
CA THR B 203 -6.89 31.22 -3.70
C THR B 203 -8.14 31.34 -2.82
N GLY B 204 -8.04 30.77 -1.62
CA GLY B 204 -9.14 30.80 -0.68
C GLY B 204 -9.26 29.54 0.13
N HIS B 205 -8.68 28.45 -0.35
CA HIS B 205 -8.66 27.21 0.40
C HIS B 205 -7.58 27.26 1.48
N THR B 206 -7.84 26.57 2.58
CA THR B 206 -6.90 26.52 3.70
C THR B 206 -6.11 25.22 3.77
N GLY B 207 -6.66 24.13 3.25
CA GLY B 207 -6.00 22.84 3.21
C GLY B 207 -5.38 22.54 1.86
N ASP B 208 -5.25 21.25 1.57
CA ASP B 208 -4.66 20.76 0.33
C ASP B 208 -5.77 20.45 -0.66
N VAL B 209 -5.67 21.00 -1.88
CA VAL B 209 -6.70 20.72 -2.88
C VAL B 209 -6.49 19.32 -3.42
N MET B 210 -7.53 18.49 -3.34
CA MET B 210 -7.41 17.06 -3.57
C MET B 210 -8.15 16.54 -4.80
N SER B 211 -8.95 17.35 -5.48
CA SER B 211 -9.68 16.87 -6.64
C SER B 211 -10.15 18.06 -7.46
N LEU B 212 -10.81 17.75 -8.58
CA LEU B 212 -11.21 18.76 -9.56
C LEU B 212 -12.32 18.19 -10.43
N SER B 213 -13.11 19.08 -11.03
CA SER B 213 -14.15 18.67 -11.97
C SER B 213 -14.61 19.88 -12.75
N LEU B 214 -14.57 19.78 -14.08
CA LEU B 214 -15.03 20.86 -14.96
C LEU B 214 -16.51 20.70 -15.24
N ALA B 215 -17.21 21.83 -15.32
CA ALA B 215 -18.63 21.80 -15.63
C ALA B 215 -18.84 21.35 -17.07
N PRO B 216 -20.00 20.74 -17.37
CA PRO B 216 -20.25 20.31 -18.75
C PRO B 216 -20.11 21.43 -19.77
N ASP B 217 -20.48 22.65 -19.40
CA ASP B 217 -20.26 23.81 -20.26
C ASP B 217 -18.86 24.39 -20.13
N THR B 218 -18.05 23.86 -19.21
CA THR B 218 -16.66 24.31 -19.02
C THR B 218 -16.60 25.83 -18.78
N ARG B 219 -17.49 26.31 -17.91
CA ARG B 219 -17.45 27.68 -17.43
C ARG B 219 -17.25 27.79 -15.92
N LEU B 220 -17.42 26.70 -15.17
CA LEU B 220 -17.16 26.68 -13.74
C LEU B 220 -16.57 25.32 -13.39
N PHE B 221 -15.87 25.26 -12.25
CA PHE B 221 -15.36 24.01 -11.75
C PHE B 221 -15.41 24.02 -10.22
N VAL B 222 -15.43 22.82 -9.64
CA VAL B 222 -15.51 22.63 -8.20
C VAL B 222 -14.21 21.99 -7.72
N SER B 223 -14.05 21.95 -6.39
CA SER B 223 -12.84 21.39 -5.80
C SER B 223 -13.05 21.21 -4.31
N GLY B 224 -12.62 20.05 -3.80
CA GLY B 224 -12.53 19.82 -2.37
C GLY B 224 -11.07 19.87 -1.94
N ALA B 225 -10.81 20.35 -0.73
CA ALA B 225 -9.46 20.74 -0.38
C ALA B 225 -9.06 20.32 1.03
N CYS B 226 -9.38 19.09 1.43
CA CYS B 226 -8.72 18.51 2.61
C CYS B 226 -9.03 19.25 3.90
N ASP B 227 -9.87 20.28 3.84
CA ASP B 227 -10.38 20.94 5.04
C ASP B 227 -11.86 20.70 5.22
N ALA B 228 -12.42 19.73 4.50
CA ALA B 228 -13.83 19.35 4.62
C ALA B 228 -14.76 20.39 4.00
N SER B 229 -14.30 21.09 2.96
CA SER B 229 -15.13 22.08 2.28
C SER B 229 -14.86 22.04 0.78
N ALA B 230 -15.92 22.16 0.01
CA ALA B 230 -15.85 22.28 -1.44
C ALA B 230 -16.18 23.72 -1.83
N LYS B 231 -15.76 24.11 -3.02
CA LYS B 231 -15.92 25.48 -3.48
C LYS B 231 -16.42 25.49 -4.91
N LEU B 232 -16.94 26.65 -5.32
CA LEU B 232 -17.38 26.89 -6.69
C LEU B 232 -16.59 28.06 -7.25
N TRP B 233 -15.99 27.87 -8.42
CA TRP B 233 -15.09 28.84 -9.03
C TRP B 233 -15.63 29.29 -10.37
N ASP B 234 -15.41 30.56 -10.68
CA ASP B 234 -15.72 31.13 -11.99
C ASP B 234 -14.41 31.26 -12.76
N VAL B 235 -14.28 30.48 -13.83
CA VAL B 235 -13.01 30.44 -14.56
C VAL B 235 -12.70 31.79 -15.19
N ARG B 236 -13.72 32.46 -15.74
CA ARG B 236 -13.47 33.69 -16.50
C ARG B 236 -12.90 34.79 -15.62
N GLU B 237 -13.45 34.97 -14.42
CA GLU B 237 -13.02 36.05 -13.53
C GLU B 237 -12.02 35.61 -12.47
N GLY B 238 -12.15 34.38 -11.95
CA GLY B 238 -11.22 33.89 -10.96
C GLY B 238 -11.60 34.25 -9.55
N MET B 239 -12.81 33.85 -9.13
CA MET B 239 -13.30 34.15 -7.80
C MET B 239 -14.14 32.99 -7.30
N CYS B 240 -14.27 32.90 -5.98
CA CYS B 240 -15.01 31.81 -5.33
C CYS B 240 -16.47 32.25 -5.18
N ARG B 241 -17.34 31.70 -6.04
CA ARG B 241 -18.74 32.09 -6.02
C ARG B 241 -19.51 31.45 -4.87
N GLN B 242 -19.15 30.23 -4.48
CA GLN B 242 -19.89 29.52 -3.44
C GLN B 242 -18.92 28.64 -2.65
N THR B 243 -19.30 28.36 -1.41
CA THR B 243 -18.55 27.46 -0.53
C THR B 243 -19.53 26.47 0.08
N PHE B 244 -19.20 25.19 0.00
CA PHE B 244 -20.06 24.12 0.51
C PHE B 244 -19.34 23.38 1.61
N THR B 245 -20.00 23.24 2.77
CA THR B 245 -19.44 22.53 3.91
C THR B 245 -20.44 21.48 4.38
N GLY B 246 -19.96 20.55 5.20
CA GLY B 246 -20.79 19.48 5.69
C GLY B 246 -20.05 18.17 5.86
N HIS B 247 -18.91 18.04 5.21
CA HIS B 247 -18.06 16.87 5.43
C HIS B 247 -17.29 17.03 6.74
N GLU B 248 -16.89 15.90 7.31
CA GLU B 248 -16.19 15.87 8.58
C GLU B 248 -14.69 15.63 8.45
N SER B 249 -14.19 15.32 7.27
CA SER B 249 -12.77 15.02 7.09
C SER B 249 -12.36 15.44 5.69
N ASP B 250 -11.21 14.94 5.24
CA ASP B 250 -10.64 15.36 3.96
C ASP B 250 -11.51 14.88 2.81
N ILE B 251 -11.69 15.73 1.81
CA ILE B 251 -12.45 15.41 0.62
C ILE B 251 -11.49 14.88 -0.43
N ASN B 252 -11.75 13.67 -0.92
CA ASN B 252 -10.82 12.97 -1.81
C ASN B 252 -11.23 13.05 -3.28
N ALA B 253 -12.53 13.03 -3.57
CA ALA B 253 -13.01 12.97 -4.95
C ALA B 253 -14.23 13.87 -5.11
N ILE B 254 -14.44 14.35 -6.33
CA ILE B 254 -15.54 15.25 -6.65
C ILE B 254 -15.92 15.06 -8.11
N CYS B 255 -17.23 14.98 -8.36
CA CYS B 255 -17.76 14.82 -9.71
C CYS B 255 -18.94 15.76 -9.92
N PHE B 256 -19.15 16.15 -11.17
CA PHE B 256 -20.26 17.00 -11.56
C PHE B 256 -21.43 16.15 -12.06
N PHE B 257 -22.65 16.63 -11.79
CA PHE B 257 -23.84 15.97 -12.29
C PHE B 257 -23.93 16.18 -13.81
N PRO B 258 -24.60 15.27 -14.53
CA PRO B 258 -24.69 15.42 -15.99
C PRO B 258 -25.23 16.77 -16.46
N ASN B 259 -26.22 17.35 -15.78
CA ASN B 259 -26.81 18.59 -16.29
C ASN B 259 -26.06 19.84 -15.86
N GLY B 260 -25.13 19.73 -14.92
CA GLY B 260 -24.32 20.86 -14.52
C GLY B 260 -24.89 21.70 -13.40
N ASN B 261 -25.85 21.20 -12.63
CA ASN B 261 -26.47 21.93 -11.53
C ASN B 261 -26.35 21.21 -10.20
N ALA B 262 -25.34 20.35 -10.05
CA ALA B 262 -25.12 19.61 -8.81
C ALA B 262 -23.77 18.91 -8.93
N PHE B 263 -23.31 18.36 -7.81
CA PHE B 263 -22.06 17.63 -7.79
C PHE B 263 -22.04 16.72 -6.58
N ALA B 264 -21.16 15.71 -6.62
CA ALA B 264 -21.01 14.76 -5.53
C ALA B 264 -19.56 14.75 -5.06
N THR B 265 -19.37 14.52 -3.77
CA THR B 265 -18.05 14.53 -3.15
C THR B 265 -17.83 13.21 -2.41
N GLY B 266 -16.54 12.91 -2.19
CA GLY B 266 -16.16 11.74 -1.40
C GLY B 266 -15.03 12.07 -0.45
N SER B 267 -15.24 11.73 0.83
CA SER B 267 -14.30 12.12 1.90
C SER B 267 -13.82 10.90 2.69
N ASP B 268 -12.96 11.13 3.67
CA ASP B 268 -12.37 10.09 4.51
C ASP B 268 -13.29 9.64 5.65
N ASP B 269 -14.42 10.30 5.86
CA ASP B 269 -15.36 9.87 6.94
C ASP B 269 -16.27 8.77 6.41
N ALA B 270 -16.02 8.17 5.22
CA ALA B 270 -16.74 7.00 4.72
C ALA B 270 -18.13 7.33 4.22
N THR B 271 -18.35 8.54 3.71
CA THR B 271 -19.66 8.94 3.20
C THR B 271 -19.51 9.81 1.98
N CYS B 272 -20.55 9.80 1.14
CA CYS B 272 -20.65 10.66 -0.03
C CYS B 272 -21.86 11.58 0.13
N ARG B 273 -21.76 12.78 -0.46
CA ARG B 273 -22.81 13.79 -0.34
C ARG B 273 -23.10 14.39 -1.70
N LEU B 274 -24.35 14.79 -1.89
CA LEU B 274 -24.83 15.44 -3.10
C LEU B 274 -25.17 16.89 -2.78
N PHE B 275 -24.57 17.82 -3.52
CA PHE B 275 -24.80 19.24 -3.31
C PHE B 275 -25.44 19.85 -4.56
N ASP B 276 -26.21 20.91 -4.36
CA ASP B 276 -26.92 21.60 -5.43
C ASP B 276 -26.43 23.04 -5.52
N LEU B 277 -26.02 23.45 -6.71
CA LEU B 277 -25.48 24.80 -6.88
C LEU B 277 -26.52 25.86 -6.58
N ARG B 278 -27.74 25.71 -7.09
CA ARG B 278 -28.75 26.74 -6.94
C ARG B 278 -29.31 26.79 -5.52
N ALA B 279 -29.62 25.62 -4.94
CA ALA B 279 -30.13 25.61 -3.57
C ALA B 279 -29.05 26.01 -2.56
N ASP B 280 -27.79 25.78 -2.90
CA ASP B 280 -26.64 26.16 -2.08
C ASP B 280 -26.45 25.26 -0.86
N GLN B 281 -26.96 24.04 -0.87
CA GLN B 281 -26.86 23.21 0.31
C GLN B 281 -26.92 21.73 -0.07
N GLU B 282 -26.53 20.89 0.88
CA GLU B 282 -26.54 19.45 0.69
C GLU B 282 -27.95 18.96 0.41
N LEU B 283 -28.03 17.82 -0.28
CA LEU B 283 -29.31 17.18 -0.57
C LEU B 283 -29.43 15.76 -0.02
N MET B 284 -28.33 15.03 0.11
CA MET B 284 -28.43 13.62 0.46
C MET B 284 -27.06 13.11 0.86
N THR B 285 -27.06 12.01 1.61
CA THR B 285 -25.85 11.36 2.09
C THR B 285 -25.92 9.87 1.77
N TYR B 286 -24.81 9.33 1.27
CA TYR B 286 -24.70 7.93 0.87
C TYR B 286 -23.70 7.25 1.81
N SER B 287 -24.21 6.61 2.85
CA SER B 287 -23.36 6.03 3.87
C SER B 287 -24.02 4.79 4.46
N HIS B 288 -23.21 3.97 5.13
CA HIS B 288 -23.69 2.76 5.79
C HIS B 288 -22.81 2.48 6.99
N ASP B 289 -23.40 1.82 8.00
CA ASP B 289 -22.65 1.51 9.22
C ASP B 289 -21.49 0.57 8.93
N ASN B 290 -21.71 -0.42 8.06
CA ASN B 290 -20.67 -1.39 7.76
C ASN B 290 -19.46 -0.78 7.07
N ILE B 291 -19.58 0.43 6.55
CA ILE B 291 -18.52 1.09 5.81
C ILE B 291 -17.78 2.02 6.75
N ILE B 292 -16.49 1.76 6.94
CA ILE B 292 -15.65 2.60 7.79
C ILE B 292 -14.35 2.95 7.07
N CYS B 293 -14.31 2.70 5.76
CA CYS B 293 -13.17 3.07 4.94
C CYS B 293 -13.42 4.39 4.23
N GLY B 294 -12.38 4.90 3.58
CA GLY B 294 -12.45 6.16 2.89
C GLY B 294 -12.74 6.01 1.40
N ILE B 295 -13.47 6.96 0.86
CA ILE B 295 -13.82 6.96 -0.55
C ILE B 295 -12.66 7.55 -1.35
N THR B 296 -12.18 6.79 -2.33
CA THR B 296 -11.07 7.24 -3.17
C THR B 296 -11.52 7.88 -4.47
N SER B 297 -12.71 7.53 -4.96
CA SER B 297 -13.19 8.05 -6.23
C SER B 297 -14.71 8.02 -6.25
N VAL B 298 -15.30 8.84 -7.12
CA VAL B 298 -16.73 8.86 -7.35
C VAL B 298 -16.96 9.21 -8.81
N SER B 299 -18.04 8.68 -9.39
CA SER B 299 -18.37 8.96 -10.78
C SER B 299 -19.85 8.74 -11.00
N PHE B 300 -20.41 9.48 -11.94
CA PHE B 300 -21.81 9.37 -12.32
C PHE B 300 -21.95 8.60 -13.62
N SER B 301 -23.13 8.00 -13.80
CA SER B 301 -23.44 7.31 -15.04
C SER B 301 -23.89 8.33 -16.09
N LYS B 302 -24.30 7.83 -17.26
CA LYS B 302 -24.64 8.72 -18.37
C LYS B 302 -25.85 9.59 -18.04
N SER B 303 -26.88 9.00 -17.46
CA SER B 303 -28.09 9.74 -17.12
C SER B 303 -28.08 10.28 -15.69
N GLY B 304 -27.04 9.99 -14.91
CA GLY B 304 -26.96 10.47 -13.56
C GLY B 304 -27.79 9.73 -12.55
N ARG B 305 -28.35 8.57 -12.92
CA ARG B 305 -29.16 7.81 -11.98
C ARG B 305 -28.32 7.00 -11.01
N LEU B 306 -27.10 6.62 -11.40
CA LEU B 306 -26.22 5.82 -10.57
C LEU B 306 -25.00 6.64 -10.16
N LEU B 307 -24.60 6.49 -8.90
CA LEU B 307 -23.37 7.06 -8.38
C LEU B 307 -22.48 5.91 -7.94
N LEU B 308 -21.28 5.84 -8.52
CA LEU B 308 -20.35 4.75 -8.29
C LEU B 308 -19.14 5.26 -7.53
N ALA B 309 -18.79 4.58 -6.44
CA ALA B 309 -17.70 5.00 -5.57
C ALA B 309 -16.73 3.83 -5.37
N GLY B 310 -15.45 4.14 -5.32
CA GLY B 310 -14.41 3.15 -5.03
C GLY B 310 -13.78 3.42 -3.68
N TYR B 311 -13.76 2.39 -2.84
CA TYR B 311 -13.38 2.51 -1.44
C TYR B 311 -11.98 1.95 -1.20
N ASP B 312 -11.55 2.00 0.05
CA ASP B 312 -10.26 1.50 0.48
C ASP B 312 -10.28 0.03 0.85
N ASP B 313 -11.45 -0.60 0.94
CA ASP B 313 -11.55 -2.02 1.25
C ASP B 313 -11.57 -2.88 0.00
N PHE B 314 -11.04 -2.37 -1.12
CA PHE B 314 -10.82 -3.10 -2.37
C PHE B 314 -12.08 -3.24 -3.19
N ASN B 315 -13.19 -2.60 -2.81
CA ASN B 315 -14.46 -2.76 -3.51
C ASN B 315 -14.99 -1.39 -3.94
N CYS B 316 -15.81 -1.41 -4.98
CA CYS B 316 -16.60 -0.27 -5.39
C CYS B 316 -18.07 -0.56 -5.11
N ASN B 317 -18.84 0.48 -4.85
CA ASN B 317 -20.25 0.36 -4.57
C ASN B 317 -21.06 1.12 -5.62
N VAL B 318 -22.27 0.64 -5.87
CA VAL B 318 -23.19 1.27 -6.80
C VAL B 318 -24.37 1.81 -6.00
N TRP B 319 -24.56 3.12 -6.07
CA TRP B 319 -25.57 3.82 -5.28
C TRP B 319 -26.70 4.32 -6.18
N ASP B 320 -27.89 4.36 -5.61
CA ASP B 320 -29.05 4.97 -6.28
C ASP B 320 -29.04 6.45 -5.92
N ALA B 321 -28.74 7.30 -6.92
CA ALA B 321 -28.52 8.71 -6.64
C ALA B 321 -29.77 9.39 -6.06
N LEU B 322 -30.95 8.97 -6.51
CA LEU B 322 -32.18 9.62 -6.09
C LEU B 322 -32.85 8.97 -4.88
N LYS B 323 -32.48 7.73 -4.54
CA LYS B 323 -33.13 7.00 -3.47
C LYS B 323 -32.24 6.72 -2.27
N ALA B 324 -30.92 6.80 -2.42
CA ALA B 324 -29.92 6.63 -1.37
C ALA B 324 -29.67 5.16 -1.04
N ASP B 325 -30.26 4.22 -1.75
CA ASP B 325 -30.06 2.80 -1.47
C ASP B 325 -28.80 2.30 -2.16
N ARG B 326 -28.44 1.05 -1.85
CA ARG B 326 -27.32 0.36 -2.48
C ARG B 326 -27.87 -0.69 -3.43
N ALA B 327 -27.35 -0.70 -4.66
CA ALA B 327 -27.89 -1.54 -5.72
C ALA B 327 -26.94 -2.62 -6.19
N GLY B 328 -25.63 -2.42 -6.08
CA GLY B 328 -24.69 -3.41 -6.58
C GLY B 328 -23.30 -3.18 -6.03
N VAL B 329 -22.35 -3.92 -6.60
CA VAL B 329 -20.96 -3.89 -6.16
C VAL B 329 -20.09 -4.29 -7.34
N LEU B 330 -18.86 -3.79 -7.37
CA LEU B 330 -17.85 -4.19 -8.34
C LEU B 330 -16.71 -4.81 -7.55
N ALA B 331 -16.84 -6.11 -7.26
CA ALA B 331 -15.89 -6.82 -6.41
C ALA B 331 -15.02 -7.71 -7.30
N GLY B 332 -13.92 -7.14 -7.80
CA GLY B 332 -13.02 -7.87 -8.64
C GLY B 332 -11.56 -7.52 -8.45
N HIS B 333 -11.26 -6.70 -7.44
CA HIS B 333 -9.91 -6.25 -7.17
C HIS B 333 -9.45 -6.80 -5.82
N ASP B 334 -8.12 -6.93 -5.68
CA ASP B 334 -7.53 -7.48 -4.46
C ASP B 334 -6.64 -6.46 -3.76
N ASN B 335 -6.79 -5.18 -4.08
CA ASN B 335 -6.08 -4.12 -3.37
C ASN B 335 -6.88 -2.83 -3.54
N ARG B 336 -6.32 -1.74 -3.04
CA ARG B 336 -7.02 -0.45 -3.01
C ARG B 336 -7.43 -0.03 -4.42
N VAL B 337 -8.69 0.38 -4.56
CA VAL B 337 -9.17 0.98 -5.80
C VAL B 337 -8.86 2.47 -5.74
N SER B 338 -8.01 2.93 -6.67
CA SER B 338 -7.53 4.30 -6.63
C SER B 338 -8.17 5.21 -7.67
N CYS B 339 -8.83 4.66 -8.69
CA CYS B 339 -9.36 5.49 -9.76
C CYS B 339 -10.61 4.84 -10.36
N LEU B 340 -11.39 5.67 -11.04
CA LEU B 340 -12.67 5.28 -11.60
C LEU B 340 -12.88 6.04 -12.90
N GLY B 341 -13.82 5.57 -13.70
CA GLY B 341 -14.12 6.26 -14.96
C GLY B 341 -15.27 5.67 -15.72
N VAL B 342 -16.16 6.54 -16.22
CA VAL B 342 -17.26 6.14 -17.09
C VAL B 342 -17.02 6.76 -18.46
N THR B 343 -17.40 6.03 -19.50
CA THR B 343 -17.20 6.50 -20.86
C THR B 343 -18.17 7.63 -21.20
N ASP B 344 -17.82 8.39 -22.24
CA ASP B 344 -18.64 9.51 -22.68
C ASP B 344 -19.92 9.09 -23.36
N ASP B 345 -20.25 7.79 -23.40
CA ASP B 345 -21.53 7.33 -23.91
C ASP B 345 -22.15 6.25 -23.04
N GLY B 346 -21.63 6.03 -21.82
CA GLY B 346 -22.23 5.08 -20.91
C GLY B 346 -22.02 3.63 -21.28
N MET B 347 -21.00 3.32 -22.09
CA MET B 347 -20.83 1.95 -22.55
C MET B 347 -20.19 1.08 -21.47
N ALA B 348 -19.30 1.62 -20.65
CA ALA B 348 -18.61 0.81 -19.67
C ALA B 348 -18.01 1.73 -18.61
N VAL B 349 -17.50 1.10 -17.55
CA VAL B 349 -16.77 1.78 -16.49
C VAL B 349 -15.44 1.06 -16.29
N ALA B 350 -14.38 1.84 -16.04
CA ALA B 350 -13.07 1.31 -15.73
C ALA B 350 -12.74 1.59 -14.26
N THR B 351 -11.87 0.75 -13.70
CA THR B 351 -11.36 0.98 -12.35
C THR B 351 -9.94 0.45 -12.26
N GLY B 352 -9.00 1.34 -11.97
CA GLY B 352 -7.67 0.92 -11.60
C GLY B 352 -7.59 0.54 -10.13
N SER B 353 -6.47 -0.04 -9.75
CA SER B 353 -6.33 -0.55 -8.39
C SER B 353 -4.84 -0.65 -8.05
N TRP B 354 -4.56 -0.87 -6.76
CA TRP B 354 -3.19 -0.96 -6.25
C TRP B 354 -2.59 -2.31 -6.61
N ASP B 355 -3.41 -3.27 -7.04
CA ASP B 355 -2.90 -4.56 -7.46
C ASP B 355 -2.37 -4.54 -8.89
N SER B 356 -2.30 -3.36 -9.54
CA SER B 356 -1.66 -3.16 -10.87
C SER B 356 -2.56 -3.52 -12.06
N PHE B 357 -3.85 -3.83 -11.88
CA PHE B 357 -4.69 -4.25 -12.99
C PHE B 357 -5.81 -3.24 -13.21
N LEU B 358 -6.08 -2.94 -14.48
CA LEU B 358 -7.26 -2.18 -14.88
C LEU B 358 -8.34 -3.15 -15.32
N LYS B 359 -9.55 -2.94 -14.83
CA LYS B 359 -10.69 -3.80 -15.14
C LYS B 359 -11.81 -2.96 -15.74
N ILE B 360 -12.52 -3.54 -16.71
CA ILE B 360 -13.61 -2.87 -17.40
C ILE B 360 -14.88 -3.66 -17.16
N TRP B 361 -15.92 -2.97 -16.68
CA TRP B 361 -17.20 -3.57 -16.35
C TRP B 361 -18.27 -3.06 -17.31
N ASN B 362 -19.38 -3.81 -17.37
CA ASN B 362 -20.50 -3.43 -18.23
C ASN B 362 -21.83 -3.66 -17.54
N THR C 6 -0.82 42.58 11.13
CA THR C 6 -0.77 42.86 9.71
C THR C 6 -1.35 41.70 8.91
N ALA C 7 -0.69 40.54 8.97
CA ALA C 7 -1.18 39.37 8.26
C ALA C 7 -2.53 38.93 8.82
N SER C 8 -2.69 38.95 10.14
CA SER C 8 -3.95 38.53 10.74
C SER C 8 -5.11 39.42 10.31
N ILE C 9 -4.89 40.74 10.32
CA ILE C 9 -5.95 41.66 9.91
C ILE C 9 -6.25 41.49 8.42
N ALA C 10 -5.22 41.23 7.62
CA ALA C 10 -5.46 40.97 6.20
C ALA C 10 -6.33 39.75 5.99
N GLN C 11 -6.00 38.65 6.69
CA GLN C 11 -6.80 37.45 6.58
C GLN C 11 -8.24 37.71 7.04
N ALA C 12 -8.40 38.40 8.16
CA ALA C 12 -9.75 38.65 8.68
C ALA C 12 -10.56 39.50 7.70
N ARG C 13 -9.97 40.56 7.17
CA ARG C 13 -10.72 41.43 6.25
C ARG C 13 -11.07 40.69 4.96
N LYS C 14 -10.13 39.91 4.42
CA LYS C 14 -10.43 39.16 3.20
C LYS C 14 -11.55 38.15 3.45
N LEU C 15 -11.50 37.46 4.59
CA LEU C 15 -12.56 36.52 4.93
C LEU C 15 -13.90 37.23 5.07
N VAL C 16 -13.90 38.41 5.70
CA VAL C 16 -15.15 39.14 5.87
C VAL C 16 -15.72 39.55 4.51
N GLU C 17 -14.87 40.06 3.63
CA GLU C 17 -15.36 40.47 2.31
C GLU C 17 -15.91 39.28 1.54
N GLN C 18 -15.19 38.16 1.55
CA GLN C 18 -15.65 36.98 0.82
C GLN C 18 -16.97 36.48 1.40
N LEU C 19 -17.09 36.46 2.72
CA LEU C 19 -18.33 36.00 3.33
C LEU C 19 -19.50 36.92 2.99
N LYS C 20 -19.27 38.23 2.99
CA LYS C 20 -20.33 39.15 2.59
C LYS C 20 -20.77 38.90 1.15
N MET C 21 -19.80 38.79 0.24
CA MET C 21 -20.13 38.58 -1.16
C MET C 21 -20.85 37.25 -1.37
N GLU C 22 -20.48 36.22 -0.60
CA GLU C 22 -21.17 34.94 -0.69
C GLU C 22 -22.58 35.02 -0.13
N ALA C 23 -22.77 35.83 0.92
CA ALA C 23 -24.10 36.00 1.48
C ALA C 23 -25.02 36.75 0.53
N ASN C 24 -24.47 37.65 -0.29
CA ASN C 24 -25.26 38.42 -1.25
C ASN C 24 -25.47 37.60 -2.52
N ILE C 25 -26.39 36.63 -2.43
CA ILE C 25 -26.81 35.83 -3.58
C ILE C 25 -28.26 35.40 -3.36
N ASP C 26 -28.85 34.81 -4.41
CA ASP C 26 -30.22 34.33 -4.38
C ASP C 26 -30.24 32.81 -4.43
N ARG C 27 -31.23 32.22 -3.77
CA ARG C 27 -31.31 30.77 -3.60
C ARG C 27 -32.66 30.26 -4.07
N ILE C 28 -32.65 29.04 -4.59
CA ILE C 28 -33.86 28.36 -5.04
C ILE C 28 -34.27 27.35 -3.98
N LYS C 29 -35.51 26.88 -4.08
CA LYS C 29 -36.04 25.94 -3.10
C LYS C 29 -35.55 24.52 -3.37
N VAL C 30 -35.36 23.78 -2.28
CA VAL C 30 -34.85 22.41 -2.38
C VAL C 30 -35.84 21.53 -3.13
N SER C 31 -37.14 21.76 -2.92
CA SER C 31 -38.14 20.98 -3.65
C SER C 31 -38.00 21.20 -5.15
N LYS C 32 -37.79 22.46 -5.57
CA LYS C 32 -37.61 22.74 -7.00
C LYS C 32 -36.34 22.09 -7.53
N ALA C 33 -35.26 22.16 -6.77
CA ALA C 33 -34.01 21.54 -7.22
C ALA C 33 -34.16 20.02 -7.37
N ALA C 34 -34.80 19.38 -6.39
CA ALA C 34 -35.03 17.95 -6.48
C ALA C 34 -35.93 17.59 -7.65
N ALA C 35 -36.96 18.41 -7.89
CA ALA C 35 -37.83 18.16 -9.04
C ALA C 35 -37.06 18.24 -10.35
N ASP C 36 -36.18 19.24 -10.48
CA ASP C 36 -35.39 19.35 -11.69
C ASP C 36 -34.47 18.14 -11.88
N LEU C 37 -33.81 17.71 -10.80
CA LEU C 37 -32.93 16.54 -10.90
C LEU C 37 -33.70 15.28 -11.29
N MET C 38 -34.85 15.04 -10.65
CA MET C 38 -35.67 13.90 -11.00
C MET C 38 -36.16 13.96 -12.43
N ALA C 39 -36.58 15.12 -12.90
CA ALA C 39 -37.00 15.29 -14.29
C ALA C 39 -35.88 14.97 -15.27
N TYR C 40 -34.66 15.46 -15.00
CA TYR C 40 -33.54 15.12 -15.89
C TYR C 40 -33.30 13.62 -15.92
N CYS C 41 -33.23 12.99 -14.74
CA CYS C 41 -32.95 11.56 -14.69
C CYS C 41 -34.04 10.75 -15.37
N GLU C 42 -35.30 11.22 -15.31
CA GLU C 42 -36.37 10.50 -15.98
C GLU C 42 -36.32 10.71 -17.49
N ALA C 43 -36.00 11.92 -17.92
CA ALA C 43 -35.95 12.21 -19.35
C ALA C 43 -34.84 11.41 -20.04
N HIS C 44 -33.66 11.32 -19.40
CA HIS C 44 -32.51 10.66 -20.01
C HIS C 44 -32.33 9.23 -19.52
N ALA C 45 -33.42 8.59 -19.09
CA ALA C 45 -33.29 7.24 -18.51
C ALA C 45 -33.02 6.18 -19.58
N LYS C 46 -33.51 6.39 -20.79
CA LYS C 46 -33.46 5.36 -21.82
C LYS C 46 -32.16 5.36 -22.62
N GLU C 47 -31.28 6.32 -22.39
CA GLU C 47 -30.00 6.40 -23.07
C GLU C 47 -28.84 5.97 -22.18
N ASP C 48 -29.12 5.21 -21.12
CA ASP C 48 -28.09 4.80 -20.16
C ASP C 48 -27.88 3.29 -20.29
N PRO C 49 -26.85 2.85 -21.02
CA PRO C 49 -26.61 1.40 -21.14
C PRO C 49 -26.38 0.72 -19.80
N LEU C 50 -25.72 1.39 -18.86
CA LEU C 50 -25.43 0.77 -17.57
C LEU C 50 -26.70 0.58 -16.74
N LEU C 51 -27.74 1.36 -16.99
CA LEU C 51 -29.01 1.22 -16.28
C LEU C 51 -29.94 0.24 -16.99
N THR C 52 -30.03 0.32 -18.30
CA THR C 52 -30.80 -0.61 -19.12
C THR C 52 -29.84 -1.35 -20.04
N PRO C 53 -29.42 -2.58 -19.71
CA PRO C 53 -28.35 -3.22 -20.48
C PRO C 53 -28.72 -3.35 -21.95
N VAL C 54 -27.73 -3.13 -22.81
CA VAL C 54 -27.91 -3.18 -24.26
C VAL C 54 -27.85 -4.64 -24.71
N PRO C 55 -28.52 -5.03 -25.80
CA PRO C 55 -28.39 -6.40 -26.28
C PRO C 55 -26.95 -6.70 -26.68
N ALA C 56 -26.57 -7.98 -26.54
CA ALA C 56 -25.18 -8.36 -26.72
C ALA C 56 -24.65 -8.02 -28.12
N SER C 57 -25.54 -7.86 -29.10
CA SER C 57 -25.08 -7.54 -30.45
C SER C 57 -24.41 -6.18 -30.50
N GLU C 58 -25.04 -5.17 -29.89
CA GLU C 58 -24.50 -3.82 -29.91
C GLU C 58 -23.43 -3.57 -28.86
N ASN C 59 -23.31 -4.45 -27.88
CA ASN C 59 -22.26 -4.30 -26.86
C ASN C 59 -20.90 -4.55 -27.49
N PRO C 60 -19.95 -3.60 -27.44
CA PRO C 60 -18.64 -3.84 -28.03
C PRO C 60 -17.65 -4.57 -27.14
N PHE C 61 -18.00 -4.83 -25.88
CA PHE C 61 -17.13 -5.53 -24.95
C PHE C 61 -17.63 -6.95 -24.67
N ARG C 62 -18.37 -7.52 -25.62
CA ARG C 62 -18.87 -8.89 -25.49
C ARG C 62 -18.45 -9.73 -26.69
N GLN D 24 -20.09 21.92 9.74
CA GLN D 24 -18.71 22.39 9.75
C GLN D 24 -18.04 22.09 11.08
N VAL D 25 -16.73 21.81 11.04
CA VAL D 25 -16.01 21.44 12.24
C VAL D 25 -15.78 22.68 13.11
N GLN D 26 -16.18 22.59 14.38
CA GLN D 26 -16.07 23.70 15.32
C GLN D 26 -15.41 23.20 16.59
N LEU D 27 -14.40 23.94 17.06
CA LEU D 27 -13.73 23.65 18.32
C LEU D 27 -13.52 24.98 19.05
N GLN D 28 -14.16 25.15 20.19
CA GLN D 28 -14.09 26.38 20.96
C GLN D 28 -13.61 26.08 22.37
N GLU D 29 -12.52 26.72 22.77
CA GLU D 29 -11.89 26.50 24.07
C GLU D 29 -12.12 27.70 24.97
N SER D 30 -12.36 27.43 26.25
CA SER D 30 -12.58 28.48 27.23
C SER D 30 -12.10 27.99 28.59
N GLY D 31 -11.80 28.95 29.47
CA GLY D 31 -11.40 28.63 30.83
C GLY D 31 -9.98 29.06 31.15
N GLY D 32 -9.51 30.12 30.50
CA GLY D 32 -8.18 30.64 30.72
C GLY D 32 -8.16 31.77 31.74
N GLY D 33 -7.13 32.62 31.63
CA GLY D 33 -6.98 33.78 32.47
C GLY D 33 -5.61 33.82 33.12
N LEU D 34 -5.54 34.49 34.25
CA LEU D 34 -4.30 34.67 35.01
C LEU D 34 -4.43 33.96 36.34
N VAL D 35 -3.42 33.16 36.69
CA VAL D 35 -3.42 32.36 37.91
C VAL D 35 -2.08 32.54 38.61
N GLN D 36 -2.12 32.70 39.93
CA GLN D 36 -0.90 32.81 40.70
C GLN D 36 -0.12 31.49 40.66
N PRO D 37 1.21 31.55 40.67
CA PRO D 37 1.98 30.31 40.63
C PRO D 37 1.61 29.39 41.78
N GLY D 38 1.56 28.10 41.49
CA GLY D 38 1.13 27.10 42.45
C GLY D 38 -0.37 26.91 42.51
N GLY D 39 -1.14 27.62 41.69
CA GLY D 39 -2.59 27.48 41.68
C GLY D 39 -3.04 26.35 40.78
N SER D 40 -4.36 26.30 40.57
CA SER D 40 -4.98 25.29 39.73
C SER D 40 -5.90 25.97 38.72
N LEU D 41 -6.11 25.28 37.61
CA LEU D 41 -6.95 25.78 36.53
C LEU D 41 -7.69 24.61 35.90
N ARG D 42 -8.56 24.93 34.94
CA ARG D 42 -9.30 23.89 34.21
C ARG D 42 -9.75 24.47 32.88
N LEU D 43 -9.18 23.98 31.79
CA LEU D 43 -9.61 24.36 30.46
C LEU D 43 -10.67 23.40 29.96
N SER D 44 -11.53 23.90 29.08
CA SER D 44 -12.60 23.10 28.48
C SER D 44 -12.71 23.44 27.01
N CYS D 45 -13.23 22.49 26.24
CA CYS D 45 -13.42 22.69 24.80
C CYS D 45 -14.67 21.96 24.36
N ALA D 46 -15.53 22.65 23.62
CA ALA D 46 -16.76 22.07 23.09
C ALA D 46 -16.62 21.89 21.59
N ALA D 47 -17.04 20.74 21.09
CA ALA D 47 -16.89 20.38 19.68
C ALA D 47 -18.25 20.11 19.06
N SER D 48 -18.37 20.42 17.78
CA SER D 48 -19.61 20.20 17.04
C SER D 48 -19.27 20.04 15.56
N GLY D 49 -20.24 19.53 14.81
CA GLY D 49 -20.08 19.31 13.39
C GLY D 49 -19.44 17.99 13.00
N PHE D 50 -19.14 17.14 13.97
CA PHE D 50 -18.57 15.82 13.68
C PHE D 50 -18.85 14.91 14.87
N THR D 51 -18.72 13.61 14.64
CA THR D 51 -18.91 12.63 15.71
C THR D 51 -17.71 12.68 16.65
N PHE D 52 -17.94 13.06 17.90
CA PHE D 52 -16.85 13.21 18.85
C PHE D 52 -16.26 11.86 19.23
N SER D 53 -17.10 10.84 19.37
CA SER D 53 -16.68 9.56 19.92
C SER D 53 -15.81 8.75 18.97
N ASN D 54 -15.66 9.16 17.72
CA ASN D 54 -14.90 8.40 16.73
C ASN D 54 -13.50 8.95 16.50
N TYR D 55 -13.09 10.01 17.21
CA TYR D 55 -11.82 10.66 16.98
C TYR D 55 -11.04 10.72 18.29
N LYS D 56 -9.71 10.76 18.16
CA LYS D 56 -8.81 10.89 19.29
C LYS D 56 -8.48 12.37 19.49
N MET D 57 -8.77 12.89 20.68
CA MET D 57 -8.58 14.31 20.96
C MET D 57 -7.13 14.58 21.33
N ASN D 58 -6.83 15.83 21.67
CA ASN D 58 -5.44 16.26 21.75
C ASN D 58 -5.39 17.68 22.30
N TRP D 59 -4.26 18.03 22.91
CA TRP D 59 -3.99 19.38 23.39
C TRP D 59 -2.61 19.80 22.90
N VAL D 60 -2.48 21.08 22.57
CA VAL D 60 -1.21 21.67 22.16
C VAL D 60 -1.10 23.06 22.76
N ARG D 61 0.07 23.67 22.59
CA ARG D 61 0.31 24.99 23.17
C ARG D 61 1.41 25.69 22.38
N GLN D 62 1.47 27.01 22.53
CA GLN D 62 2.44 27.82 21.81
C GLN D 62 2.83 28.99 22.72
N ALA D 63 4.00 28.89 23.36
CA ALA D 63 4.49 29.99 24.16
C ALA D 63 5.00 31.11 23.27
N PRO D 64 4.95 32.36 23.73
CA PRO D 64 5.41 33.47 22.89
C PRO D 64 6.88 33.31 22.51
N GLY D 65 7.17 33.60 21.24
CA GLY D 65 8.51 33.45 20.73
C GLY D 65 8.92 32.03 20.38
N LYS D 66 8.01 31.07 20.52
CA LYS D 66 8.31 29.66 20.27
C LYS D 66 7.22 29.07 19.40
N GLY D 67 7.54 27.93 18.79
CA GLY D 67 6.57 27.23 17.96
C GLY D 67 5.60 26.41 18.78
N LEU D 68 4.63 25.83 18.09
CA LEU D 68 3.61 25.02 18.75
C LEU D 68 4.23 23.72 19.26
N GLU D 69 3.73 23.27 20.42
CA GLU D 69 4.24 22.08 21.08
C GLU D 69 3.09 21.22 21.57
N TRP D 70 3.25 19.91 21.45
CA TRP D 70 2.21 18.97 21.84
C TRP D 70 2.26 18.73 23.34
N VAL D 71 1.07 18.67 23.97
CA VAL D 71 0.97 18.56 25.42
C VAL D 71 0.56 17.15 25.83
N SER D 72 -0.62 16.72 25.39
CA SER D 72 -1.13 15.40 25.75
C SER D 72 -2.20 15.00 24.74
N ASP D 73 -2.68 13.77 24.87
CA ASP D 73 -3.72 13.26 23.97
C ASP D 73 -4.42 12.10 24.64
N ILE D 74 -5.57 11.73 24.09
CA ILE D 74 -6.43 10.70 24.67
C ILE D 74 -7.15 9.97 23.53
N SER D 75 -7.40 8.69 23.73
CA SER D 75 -7.98 7.86 22.68
C SER D 75 -9.48 8.10 22.56
N GLN D 76 -10.12 7.34 21.67
CA GLN D 76 -11.55 7.48 21.45
C GLN D 76 -12.35 7.07 22.67
N SER D 77 -12.06 5.87 23.22
CA SER D 77 -12.75 5.41 24.40
C SER D 77 -12.26 6.12 25.66
N GLY D 78 -11.01 6.58 25.67
CA GLY D 78 -10.46 7.27 26.81
C GLY D 78 -9.64 6.37 27.71
N ALA D 79 -8.79 5.53 27.12
CA ALA D 79 -7.97 4.60 27.89
C ALA D 79 -6.55 4.51 27.38
N SER D 80 -6.08 5.50 26.61
CA SER D 80 -4.72 5.53 26.09
C SER D 80 -4.12 6.92 26.27
N ILE D 81 -4.25 7.46 27.49
CA ILE D 81 -3.73 8.79 27.77
C ILE D 81 -2.21 8.79 27.67
N SER D 82 -1.65 9.99 27.43
CA SER D 82 -0.22 10.18 27.42
C SER D 82 0.07 11.67 27.46
N TYR D 83 1.13 12.04 28.18
CA TYR D 83 1.51 13.44 28.37
C TYR D 83 2.93 13.66 27.88
N THR D 84 3.29 14.94 27.77
CA THR D 84 4.68 15.30 27.51
C THR D 84 5.47 15.27 28.81
N GLY D 85 6.79 15.23 28.68
CA GLY D 85 7.64 15.04 29.85
C GLY D 85 7.50 16.13 30.89
N SER D 86 7.42 17.39 30.44
CA SER D 86 7.52 18.53 31.35
C SER D 86 6.22 18.82 32.09
N VAL D 87 5.18 18.03 31.90
CA VAL D 87 3.90 18.28 32.56
C VAL D 87 3.44 17.03 33.29
N LYS D 88 4.27 15.99 33.31
CA LYS D 88 3.87 14.71 33.89
C LYS D 88 3.55 14.88 35.36
N GLY D 89 2.41 14.32 35.79
CA GLY D 89 1.96 14.37 37.16
C GLY D 89 1.04 15.54 37.47
N ARG D 90 1.31 16.69 36.86
CA ARG D 90 0.52 17.89 37.15
C ARG D 90 -0.78 17.91 36.34
N PHE D 91 -0.67 17.90 35.01
CA PHE D 91 -1.84 18.00 34.14
C PHE D 91 -2.56 16.67 34.06
N THR D 92 -3.87 16.74 33.83
CA THR D 92 -4.70 15.56 33.63
C THR D 92 -5.72 15.85 32.53
N ILE D 93 -5.88 14.90 31.61
CA ILE D 93 -6.75 15.06 30.45
C ILE D 93 -7.89 14.05 30.56
N SER D 94 -9.11 14.53 30.38
CA SER D 94 -10.30 13.68 30.44
C SER D 94 -11.31 14.16 29.42
N ARG D 95 -11.94 13.22 28.72
CA ARG D 95 -12.94 13.52 27.71
C ARG D 95 -14.25 12.81 28.04
N ASP D 96 -15.36 13.52 27.82
CA ASP D 96 -16.70 12.99 28.05
C ASP D 96 -17.42 12.95 26.71
N ASN D 97 -17.69 11.74 26.21
CA ASN D 97 -18.30 11.56 24.90
C ASN D 97 -19.82 11.71 24.93
N ALA D 98 -20.43 11.74 26.11
CA ALA D 98 -21.87 11.98 26.20
C ALA D 98 -22.23 13.45 26.04
N LYS D 99 -21.25 14.35 26.12
CA LYS D 99 -21.48 15.78 25.96
C LYS D 99 -20.51 16.43 24.97
N ASN D 100 -19.62 15.66 24.35
CA ASN D 100 -18.67 16.18 23.38
C ASN D 100 -17.85 17.32 23.97
N THR D 101 -17.11 17.01 25.03
CA THR D 101 -16.28 17.99 25.72
C THR D 101 -14.93 17.38 26.05
N LEU D 102 -13.91 18.23 26.09
CA LEU D 102 -12.55 17.84 26.46
C LEU D 102 -12.07 18.76 27.58
N TYR D 103 -11.30 18.21 28.51
CA TYR D 103 -10.83 18.95 29.67
C TYR D 103 -9.33 18.73 29.86
N LEU D 104 -8.69 19.70 30.51
CA LEU D 104 -7.28 19.61 30.87
C LEU D 104 -7.12 20.27 32.24
N GLN D 105 -7.12 19.47 33.30
CA GLN D 105 -6.97 19.98 34.65
C GLN D 105 -5.50 20.27 34.92
N MET D 106 -5.18 21.53 35.18
CA MET D 106 -3.81 21.96 35.46
C MET D 106 -3.68 22.24 36.94
N ASN D 107 -2.62 21.70 37.56
CA ASN D 107 -2.38 21.84 38.98
C ASN D 107 -0.95 22.28 39.22
N SER D 108 -0.76 23.19 40.17
CA SER D 108 0.56 23.69 40.55
C SER D 108 1.31 24.23 39.33
N LEU D 109 0.74 25.28 38.75
CA LEU D 109 1.33 25.89 37.56
C LEU D 109 2.65 26.58 37.90
N LYS D 110 3.43 26.85 36.87
CA LYS D 110 4.71 27.50 36.97
C LYS D 110 4.80 28.61 35.93
N PRO D 111 5.73 29.56 36.11
CA PRO D 111 5.83 30.67 35.15
C PRO D 111 6.11 30.23 33.72
N GLU D 112 6.58 28.99 33.51
CA GLU D 112 6.90 28.52 32.18
C GLU D 112 5.67 28.04 31.41
N ASP D 113 4.50 28.00 32.04
CA ASP D 113 3.28 27.50 31.41
C ASP D 113 2.40 28.62 30.86
N THR D 114 2.99 29.76 30.53
CA THR D 114 2.25 30.89 29.96
C THR D 114 2.26 30.74 28.45
N ALA D 115 1.09 30.50 27.86
CA ALA D 115 0.97 30.29 26.42
C ALA D 115 -0.51 30.25 26.07
N VAL D 116 -0.79 29.97 24.80
CA VAL D 116 -2.15 29.76 24.31
C VAL D 116 -2.35 28.26 24.10
N TYR D 117 -3.48 27.74 24.55
CA TYR D 117 -3.77 26.32 24.52
C TYR D 117 -4.88 26.05 23.52
N TYR D 118 -4.62 25.18 22.54
CA TYR D 118 -5.58 24.77 21.53
C TYR D 118 -6.03 23.33 21.78
N CYS D 119 -6.93 22.85 20.92
CA CYS D 119 -7.58 21.56 21.10
C CYS D 119 -7.61 20.77 19.79
N ALA D 120 -6.45 20.62 19.15
CA ALA D 120 -6.37 19.96 17.85
C ALA D 120 -7.04 18.58 17.87
N ARG D 121 -7.35 18.03 16.69
CA ARG D 121 -8.12 16.81 16.55
C ARG D 121 -7.46 15.91 15.51
N CYS D 122 -7.77 14.61 15.61
CA CYS D 122 -7.26 13.64 14.64
C CYS D 122 -7.70 14.04 13.23
N PRO D 123 -6.81 13.92 12.23
CA PRO D 123 -7.26 14.20 10.86
C PRO D 123 -8.39 13.31 10.37
N ALA D 124 -8.39 12.04 10.75
CA ALA D 124 -9.36 11.08 10.24
C ALA D 124 -9.81 10.18 11.38
N PRO D 125 -10.98 9.55 11.23
CA PRO D 125 -11.49 8.68 12.30
C PRO D 125 -10.95 7.25 12.21
N PHE D 126 -11.08 6.55 13.33
CA PHE D 126 -10.79 5.12 13.46
C PHE D 126 -9.31 4.78 13.30
N THR D 127 -8.44 5.77 13.17
CA THR D 127 -7.02 5.51 12.95
C THR D 127 -6.24 5.70 14.24
N ARG D 128 -5.01 5.17 14.24
CA ARG D 128 -4.07 5.32 15.34
C ARG D 128 -2.96 6.30 15.02
N ASP D 129 -3.16 7.17 14.04
CA ASP D 129 -2.15 8.12 13.60
C ASP D 129 -2.56 9.55 13.96
N CYS D 130 -1.64 10.48 13.74
CA CYS D 130 -1.91 11.90 13.98
C CYS D 130 -0.83 12.79 13.38
N PHE D 131 -1.24 13.81 12.62
CA PHE D 131 -0.36 14.87 12.15
C PHE D 131 -1.11 16.20 12.36
N ASP D 132 -1.06 16.74 13.58
CA ASP D 132 -1.92 17.86 13.97
C ASP D 132 -1.20 18.89 14.82
N VAL D 133 0.03 19.26 14.45
CA VAL D 133 0.77 20.28 15.18
C VAL D 133 1.33 21.29 14.18
N THR D 134 0.88 21.20 12.94
CA THR D 134 1.52 21.93 11.85
C THR D 134 1.34 23.43 12.01
N SER D 135 2.38 24.18 11.61
CA SER D 135 2.32 25.64 11.66
C SER D 135 1.25 26.17 10.70
N THR D 136 1.31 25.75 9.44
CA THR D 136 0.22 26.06 8.51
C THR D 136 -1.09 25.61 9.13
N THR D 137 -1.97 26.56 9.39
CA THR D 137 -3.07 26.34 10.33
C THR D 137 -3.73 25.00 10.07
N TYR D 138 -3.61 24.09 11.03
CA TYR D 138 -4.33 22.83 10.97
C TYR D 138 -5.83 23.11 10.94
N ALA D 139 -6.53 22.48 10.00
CA ALA D 139 -7.93 22.82 9.78
C ALA D 139 -8.77 22.51 11.01
N TYR D 140 -8.50 21.39 11.67
CA TYR D 140 -9.33 20.90 12.77
C TYR D 140 -8.75 21.26 14.13
N ARG D 141 -8.16 22.46 14.22
CA ARG D 141 -7.63 23.01 15.45
C ARG D 141 -8.46 24.21 15.87
N GLY D 142 -8.59 24.41 17.18
CA GLY D 142 -9.39 25.48 17.72
C GLY D 142 -8.68 26.83 17.65
N GLN D 143 -9.36 27.85 18.19
CA GLN D 143 -8.82 29.21 18.15
C GLN D 143 -7.84 29.46 19.29
N GLY D 144 -8.15 29.00 20.49
CA GLY D 144 -7.22 29.10 21.60
C GLY D 144 -7.77 29.80 22.83
N THR D 145 -7.13 29.57 23.97
CA THR D 145 -7.48 30.23 25.23
C THR D 145 -6.18 30.62 25.94
N GLN D 146 -6.16 31.82 26.51
CA GLN D 146 -4.95 32.38 27.10
C GLN D 146 -4.84 31.98 28.55
N VAL D 147 -3.67 31.45 28.93
CA VAL D 147 -3.35 31.11 30.30
C VAL D 147 -2.06 31.82 30.67
N THR D 148 -2.07 32.53 31.79
CA THR D 148 -0.91 33.29 32.26
C THR D 148 -0.62 32.94 33.70
N VAL D 149 0.67 32.86 34.03
CA VAL D 149 1.12 32.57 35.39
C VAL D 149 2.12 33.63 35.78
N SER D 150 1.79 34.41 36.82
CA SER D 150 2.66 35.46 37.30
C SER D 150 2.40 35.67 38.78
N SER D 151 3.38 36.27 39.45
CA SER D 151 3.27 36.57 40.88
C SER D 151 2.61 37.92 41.10
N SER E 40 -7.28 -56.90 -2.59
CA SER E 40 -7.11 -55.86 -1.57
C SER E 40 -5.96 -54.93 -1.95
N PHE E 41 -4.85 -55.47 -2.45
CA PHE E 41 -3.73 -54.63 -2.85
C PHE E 41 -4.13 -53.68 -3.96
N GLY E 42 -4.89 -54.16 -4.94
CA GLY E 42 -5.36 -53.29 -6.00
C GLY E 42 -6.32 -52.24 -5.50
N VAL E 43 -7.19 -52.60 -4.55
CA VAL E 43 -8.09 -51.62 -3.97
C VAL E 43 -7.31 -50.51 -3.28
N ILE E 44 -6.29 -50.89 -2.51
CA ILE E 44 -5.47 -49.91 -1.81
C ILE E 44 -4.75 -49.02 -2.82
N LEU E 45 -4.19 -49.61 -3.87
CA LEU E 45 -3.51 -48.81 -4.89
C LEU E 45 -4.47 -47.83 -5.56
N ALA E 46 -5.69 -48.28 -5.86
CA ALA E 46 -6.67 -47.39 -6.48
C ALA E 46 -7.01 -46.23 -5.56
N VAL E 47 -7.21 -46.51 -4.27
CA VAL E 47 -7.52 -45.44 -3.32
C VAL E 47 -6.38 -44.44 -3.25
N LEU E 48 -5.15 -44.95 -3.17
CA LEU E 48 -3.99 -44.06 -3.07
C LEU E 48 -3.86 -43.20 -4.32
N ALA E 49 -4.03 -43.81 -5.50
CA ALA E 49 -3.94 -43.05 -6.74
C ALA E 49 -5.02 -41.98 -6.82
N SER E 50 -6.25 -42.33 -6.40
CA SER E 50 -7.33 -41.35 -6.42
C SER E 50 -7.00 -40.16 -5.53
N LEU E 51 -6.53 -40.43 -4.31
CA LEU E 51 -6.20 -39.35 -3.39
C LEU E 51 -5.09 -38.46 -3.96
N ILE E 52 -4.03 -39.09 -4.49
CA ILE E 52 -2.93 -38.32 -5.06
C ILE E 52 -3.44 -37.42 -6.18
N ILE E 53 -4.18 -38.00 -7.12
CA ILE E 53 -4.66 -37.22 -8.26
C ILE E 53 -5.49 -36.04 -7.78
N ALA E 54 -6.47 -36.31 -6.91
CA ALA E 54 -7.39 -35.26 -6.49
C ALA E 54 -6.65 -34.13 -5.79
N THR E 55 -5.86 -34.46 -4.75
CA THR E 55 -5.22 -33.40 -3.99
C THR E 55 -4.24 -32.61 -4.84
N ASN E 56 -3.42 -33.29 -5.65
CA ASN E 56 -2.40 -32.57 -6.39
C ASN E 56 -3.01 -31.75 -7.51
N THR E 57 -4.08 -32.23 -8.15
CA THR E 57 -4.74 -31.42 -9.17
C THR E 57 -5.40 -30.18 -8.57
N LEU E 58 -6.04 -30.33 -7.40
CA LEU E 58 -6.62 -29.17 -6.73
C LEU E 58 -5.54 -28.13 -6.41
N VAL E 59 -4.43 -28.59 -5.84
CA VAL E 59 -3.34 -27.66 -5.51
C VAL E 59 -2.79 -27.02 -6.77
N ALA E 60 -2.71 -27.78 -7.86
CA ALA E 60 -2.18 -27.24 -9.10
C ALA E 60 -3.06 -26.13 -9.65
N VAL E 61 -4.39 -26.33 -9.63
CA VAL E 61 -5.27 -25.28 -10.15
C VAL E 61 -5.22 -24.05 -9.25
N ALA E 62 -5.16 -24.25 -7.93
CA ALA E 62 -5.05 -23.10 -7.03
C ALA E 62 -3.77 -22.31 -7.31
N VAL E 63 -2.65 -23.01 -7.47
CA VAL E 63 -1.39 -22.34 -7.74
C VAL E 63 -1.42 -21.65 -9.10
N LEU E 64 -2.09 -22.24 -10.09
CA LEU E 64 -2.19 -21.61 -11.40
C LEU E 64 -2.98 -20.31 -11.32
N LEU E 65 -4.08 -20.30 -10.56
CA LEU E 65 -4.82 -19.06 -10.37
C LEU E 65 -3.96 -18.01 -9.66
N LEU E 66 -3.22 -18.42 -8.64
CA LEU E 66 -2.34 -17.49 -7.95
C LEU E 66 -1.27 -16.94 -8.89
N ILE E 67 -0.74 -17.79 -9.78
CA ILE E 67 0.26 -17.33 -10.73
C ILE E 67 -0.33 -16.33 -11.70
N HIS E 68 -1.56 -16.59 -12.17
CA HIS E 68 -2.23 -15.62 -13.03
C HIS E 68 -2.37 -14.28 -12.32
N LYS E 69 -2.82 -14.30 -11.07
CA LYS E 69 -3.00 -13.05 -10.33
C LYS E 69 -1.66 -12.33 -10.13
N ASN E 70 -0.76 -12.93 -9.37
CA ASN E 70 0.53 -12.34 -9.05
C ASN E 70 1.55 -12.73 -10.13
N ASP E 71 2.84 -12.49 -9.86
CA ASP E 71 3.91 -13.01 -10.71
C ASP E 71 4.52 -14.26 -10.09
N GLY E 72 5.03 -14.16 -8.86
CA GLY E 72 5.44 -15.33 -8.10
C GLY E 72 6.33 -16.30 -8.85
N VAL E 73 7.57 -15.89 -9.15
CA VAL E 73 8.48 -16.78 -9.87
C VAL E 73 8.72 -18.07 -9.10
N SER E 74 8.51 -18.06 -7.79
CA SER E 74 8.73 -19.25 -6.96
C SER E 74 7.50 -20.14 -6.87
N LEU E 75 6.37 -19.74 -7.46
CA LEU E 75 5.21 -20.61 -7.55
C LEU E 75 5.25 -21.54 -8.75
N CYS E 76 6.15 -21.27 -9.71
CA CYS E 76 6.33 -22.19 -10.83
C CYS E 76 6.83 -23.54 -10.34
N PHE E 77 7.74 -23.54 -9.37
CA PHE E 77 8.25 -24.79 -8.83
C PHE E 77 7.16 -25.56 -8.08
N THR E 78 6.30 -24.85 -7.34
CA THR E 78 5.20 -25.52 -6.67
C THR E 78 4.22 -26.12 -7.67
N LEU E 79 3.94 -25.40 -8.76
CA LEU E 79 3.08 -25.94 -9.81
C LEU E 79 3.71 -27.18 -10.43
N ASN E 80 5.03 -27.14 -10.69
CA ASN E 80 5.71 -28.30 -11.24
C ASN E 80 5.65 -29.48 -10.30
N LEU E 81 5.80 -29.23 -9.00
CA LEU E 81 5.70 -30.31 -8.02
C LEU E 81 4.31 -30.94 -8.05
N ALA E 82 3.27 -30.12 -8.11
CA ALA E 82 1.91 -30.65 -8.16
C ALA E 82 1.70 -31.49 -9.43
N VAL E 83 2.19 -31.00 -10.56
CA VAL E 83 2.05 -31.74 -11.81
C VAL E 83 2.79 -33.08 -11.73
N ALA E 84 4.01 -33.06 -11.20
CA ALA E 84 4.78 -34.29 -11.09
C ALA E 84 4.09 -35.30 -10.17
N ASP E 85 3.53 -34.84 -9.06
CA ASP E 85 2.89 -35.75 -8.14
C ASP E 85 1.59 -36.33 -8.72
N THR E 86 0.81 -35.51 -9.44
CA THR E 86 -0.38 -36.08 -10.07
C THR E 86 -0.01 -37.06 -11.17
N LEU E 87 1.08 -36.81 -11.91
CA LEU E 87 1.53 -37.78 -12.89
C LEU E 87 1.98 -39.07 -12.21
N ILE E 88 2.63 -38.96 -11.05
CA ILE E 88 2.93 -40.16 -10.26
C ILE E 88 1.66 -40.94 -9.97
N GLY E 89 0.61 -40.23 -9.56
CA GLY E 89 -0.64 -40.90 -9.26
C GLY E 89 -1.22 -41.61 -10.48
N VAL E 90 -1.19 -40.95 -11.63
CA VAL E 90 -1.70 -41.56 -12.86
C VAL E 90 -0.89 -42.81 -13.20
N ALA E 91 0.44 -42.71 -13.12
CA ALA E 91 1.29 -43.86 -13.42
C ALA E 91 0.98 -45.02 -12.48
N ILE E 92 0.81 -44.74 -11.19
CA ILE E 92 0.46 -45.80 -10.25
C ILE E 92 -0.88 -46.41 -10.64
N SER E 93 -1.82 -45.58 -11.08
CA SER E 93 -3.09 -46.11 -11.57
C SER E 93 -2.88 -47.02 -12.77
N GLY E 94 -1.82 -46.79 -13.54
CA GLY E 94 -1.55 -47.62 -14.71
C GLY E 94 -1.38 -49.09 -14.38
N LEU E 95 -0.74 -49.40 -13.25
CA LEU E 95 -0.45 -50.77 -12.88
C LEU E 95 -1.65 -51.53 -12.33
N LEU E 96 -2.80 -50.88 -12.18
CA LEU E 96 -3.96 -51.51 -11.55
C LEU E 96 -4.52 -52.66 -12.38
N THR E 97 -4.09 -52.81 -13.64
CA THR E 97 -4.63 -53.85 -14.50
C THR E 97 -4.37 -55.24 -13.91
N ASP E 98 -3.09 -55.60 -13.78
CA ASP E 98 -2.76 -56.96 -13.35
C ASP E 98 -3.16 -57.23 -11.91
N GLN E 99 -3.11 -56.22 -11.05
CA GLN E 99 -3.35 -56.45 -9.62
C GLN E 99 -4.76 -56.95 -9.35
N GLN E 108 3.85 -59.86 -22.20
CA GLN E 108 3.68 -58.66 -21.39
C GLN E 108 5.01 -58.03 -20.98
N LYS E 109 6.14 -58.60 -21.41
CA LYS E 109 7.43 -58.14 -20.91
C LYS E 109 7.68 -56.68 -21.26
N THR E 110 7.54 -56.33 -22.54
CA THR E 110 7.82 -54.96 -22.95
C THR E 110 6.80 -53.98 -22.38
N LEU E 111 5.54 -54.44 -22.43
CA LEU E 111 4.43 -53.62 -21.92
C LEU E 111 4.76 -53.27 -20.49
N CYS E 112 5.22 -54.23 -19.70
CA CYS E 112 5.49 -53.98 -18.26
C CYS E 112 6.89 -53.41 -18.03
N SER E 113 7.75 -53.44 -19.02
CA SER E 113 9.06 -52.79 -18.90
C SER E 113 8.88 -51.31 -19.19
N LEU E 114 7.75 -50.94 -19.82
CA LEU E 114 7.48 -49.55 -20.21
C LEU E 114 6.64 -48.90 -19.13
N ARG E 115 5.81 -49.66 -18.42
CA ARG E 115 5.06 -49.15 -17.26
C ARG E 115 5.99 -48.84 -16.10
N MET E 116 6.93 -49.77 -15.81
CA MET E 116 7.85 -49.55 -14.71
C MET E 116 8.76 -48.36 -14.96
N ALA E 117 9.22 -48.20 -16.20
CA ALA E 117 10.04 -47.03 -16.52
C ALA E 117 9.26 -45.75 -16.31
N PHE E 118 7.98 -45.73 -16.71
CA PHE E 118 7.16 -44.55 -16.51
C PHE E 118 7.03 -44.21 -15.03
N VAL E 119 6.78 -45.21 -14.20
CA VAL E 119 6.63 -44.97 -12.76
C VAL E 119 7.94 -44.44 -12.17
N THR E 120 9.07 -45.05 -12.56
CA THR E 120 10.36 -44.61 -12.04
C THR E 120 10.67 -43.17 -12.45
N SER E 121 10.36 -42.82 -13.71
CA SER E 121 10.60 -41.46 -14.14
C SER E 121 9.73 -40.47 -13.39
N SER E 122 8.48 -40.82 -13.13
CA SER E 122 7.61 -39.95 -12.35
C SER E 122 8.20 -39.70 -10.96
N ALA E 123 8.65 -40.78 -10.30
CA ALA E 123 9.22 -40.63 -8.97
C ALA E 123 10.48 -39.77 -8.99
N ALA E 124 11.33 -39.96 -10.01
CA ALA E 124 12.54 -39.17 -10.10
C ALA E 124 12.23 -37.69 -10.30
N ALA E 125 11.23 -37.38 -11.15
CA ALA E 125 10.84 -35.99 -11.34
C ALA E 125 10.36 -35.37 -10.05
N SER E 126 9.53 -36.10 -9.29
CA SER E 126 9.05 -35.56 -8.03
C SER E 126 10.19 -35.32 -7.05
N VAL E 127 11.17 -36.22 -7.01
CA VAL E 127 12.30 -36.04 -6.10
C VAL E 127 13.15 -34.85 -6.53
N LEU E 128 13.28 -34.61 -7.83
CA LEU E 128 14.14 -33.53 -8.31
C LEU E 128 13.50 -32.16 -8.09
N THR E 129 12.17 -32.08 -8.17
CA THR E 129 11.51 -30.79 -7.99
C THR E 129 11.73 -30.24 -6.59
N VAL E 130 11.71 -31.11 -5.58
CA VAL E 130 11.92 -30.66 -4.20
C VAL E 130 13.33 -30.12 -4.02
N MET E 131 14.32 -30.76 -4.65
CA MET E 131 15.68 -30.24 -4.60
C MET E 131 15.77 -28.87 -5.26
N LEU E 132 15.06 -28.70 -6.38
CA LEU E 132 15.03 -27.39 -7.02
C LEU E 132 14.44 -26.33 -6.09
N ILE E 133 13.34 -26.66 -5.41
CA ILE E 133 12.73 -25.73 -4.47
C ILE E 133 13.71 -25.38 -3.35
N THR E 134 14.39 -26.40 -2.82
CA THR E 134 15.32 -26.16 -1.71
C THR E 134 16.46 -25.24 -2.13
N PHE E 135 17.01 -25.46 -3.32
CA PHE E 135 18.08 -24.58 -3.78
C PHE E 135 17.57 -23.17 -4.02
N ASP E 136 16.33 -23.03 -4.49
CA ASP E 136 15.75 -21.70 -4.67
C ASP E 136 15.68 -20.96 -3.33
N ARG E 137 15.17 -21.63 -2.30
CA ARG E 137 15.09 -21.00 -0.98
C ARG E 137 16.47 -20.66 -0.44
N TYR E 138 17.43 -21.57 -0.58
CA TYR E 138 18.77 -21.33 -0.06
C TYR E 138 19.42 -20.14 -0.75
N LEU E 139 19.25 -20.03 -2.08
CA LEU E 139 19.84 -18.90 -2.78
C LEU E 139 19.13 -17.60 -2.44
N ALA E 140 17.83 -17.66 -2.16
CA ALA E 140 17.13 -16.46 -1.71
C ALA E 140 17.71 -15.96 -0.38
N ILE E 141 17.87 -16.86 0.59
CA ILE E 141 18.34 -16.45 1.91
C ILE E 141 19.82 -16.04 1.87
N LYS E 142 20.65 -16.83 1.20
CA LYS E 142 22.10 -16.69 1.32
C LYS E 142 22.63 -15.51 0.50
N GLN E 143 22.04 -15.23 -0.66
CA GLN E 143 22.47 -14.13 -1.52
C GLN E 143 21.25 -13.29 -1.89
N PRO E 144 20.73 -12.50 -0.94
CA PRO E 144 19.45 -11.81 -1.18
C PRO E 144 19.48 -10.82 -2.32
N PHE E 145 20.61 -10.14 -2.57
CA PHE E 145 20.68 -9.17 -3.65
C PHE E 145 20.85 -9.84 -5.00
N ARG E 146 21.81 -10.77 -5.09
CA ARG E 146 22.06 -11.44 -6.36
C ARG E 146 20.87 -12.28 -6.79
N TYR E 147 20.11 -12.82 -5.83
CA TYR E 147 18.91 -13.56 -6.20
C TYR E 147 17.94 -12.66 -6.95
N LEU E 148 17.66 -11.47 -6.41
CA LEU E 148 16.78 -10.54 -7.10
C LEU E 148 17.38 -10.09 -8.43
N LYS E 149 18.71 -10.00 -8.50
CA LYS E 149 19.36 -9.56 -9.73
C LYS E 149 19.40 -10.62 -10.82
N ILE E 150 19.23 -11.89 -10.48
CA ILE E 150 19.41 -12.99 -11.42
C ILE E 150 18.09 -13.70 -11.72
N MET E 151 17.36 -14.10 -10.69
CA MET E 151 16.22 -15.00 -10.89
C MET E 151 15.20 -14.40 -11.85
N SER E 152 14.62 -15.26 -12.68
CA SER E 152 13.65 -14.82 -13.68
C SER E 152 12.81 -16.00 -14.13
N GLY E 153 11.67 -15.68 -14.75
CA GLY E 153 10.80 -16.72 -15.28
C GLY E 153 11.47 -17.54 -16.36
N PHE E 154 12.34 -16.93 -17.15
CA PHE E 154 13.10 -17.70 -18.14
C PHE E 154 13.97 -18.75 -17.47
N VAL E 155 14.65 -18.36 -16.39
CA VAL E 155 15.49 -19.31 -15.65
C VAL E 155 14.63 -20.43 -15.07
N ALA E 156 13.47 -20.07 -14.50
CA ALA E 156 12.59 -21.09 -13.94
C ALA E 156 12.15 -22.09 -15.02
N GLY E 157 11.74 -21.57 -16.18
CA GLY E 157 11.28 -22.47 -17.24
C GLY E 157 12.38 -23.35 -17.79
N ALA E 158 13.57 -22.79 -17.99
CA ALA E 158 14.69 -23.60 -18.45
C ALA E 158 15.02 -24.70 -17.45
N CYS E 159 15.02 -24.36 -16.16
CA CYS E 159 15.32 -25.35 -15.14
C CYS E 159 14.27 -26.46 -15.14
N ILE E 160 12.99 -26.11 -15.29
CA ILE E 160 11.94 -27.12 -15.29
C ILE E 160 12.07 -28.04 -16.50
N ALA E 161 12.37 -27.47 -17.67
CA ALA E 161 12.58 -28.29 -18.86
C ALA E 161 13.72 -29.28 -18.65
N GLY E 162 14.86 -28.79 -18.15
CA GLY E 162 15.97 -29.68 -17.85
C GLY E 162 15.60 -30.75 -16.84
N LEU E 163 14.83 -30.37 -15.83
CA LEU E 163 14.38 -31.33 -14.82
C LEU E 163 13.64 -32.49 -15.47
N TRP E 164 12.63 -32.18 -16.28
CA TRP E 164 11.84 -33.25 -16.89
C TRP E 164 12.69 -34.09 -17.85
N LEU E 165 13.59 -33.43 -18.60
CA LEU E 165 14.44 -34.17 -19.53
C LEU E 165 15.31 -35.18 -18.78
N VAL E 166 15.98 -34.74 -17.72
CA VAL E 166 16.84 -35.64 -16.96
C VAL E 166 16.01 -36.73 -16.29
N SER E 167 14.81 -36.39 -15.81
CA SER E 167 13.97 -37.38 -15.16
C SER E 167 13.62 -38.51 -16.11
N TYR E 168 13.20 -38.17 -17.34
CA TYR E 168 12.81 -39.22 -18.27
C TYR E 168 14.01 -39.86 -18.97
N LEU E 169 15.20 -39.28 -18.85
CA LEU E 169 16.41 -40.01 -19.21
C LEU E 169 16.72 -41.09 -18.17
N ILE E 170 16.63 -40.72 -16.89
CA ILE E 170 16.92 -41.68 -15.82
C ILE E 170 15.90 -42.80 -15.81
N GLY E 171 14.64 -42.48 -16.10
CA GLY E 171 13.61 -43.51 -16.09
C GLY E 171 13.88 -44.63 -17.08
N PHE E 172 14.40 -44.28 -18.27
CA PHE E 172 14.50 -45.23 -19.37
C PHE E 172 15.93 -45.64 -19.70
N LEU E 173 16.92 -45.19 -18.93
CA LEU E 173 18.27 -45.76 -19.06
C LEU E 173 18.32 -47.28 -18.96
N PRO E 174 17.68 -47.92 -17.98
CA PRO E 174 17.80 -49.39 -17.87
C PRO E 174 17.36 -50.14 -19.10
N LEU E 175 16.32 -49.67 -19.79
CA LEU E 175 15.87 -50.34 -21.00
C LEU E 175 16.97 -50.38 -22.05
N GLY E 176 17.98 -49.51 -21.95
CA GLY E 176 19.08 -49.51 -22.87
C GLY E 176 20.32 -50.20 -22.35
N ILE E 177 20.75 -49.87 -21.14
CA ILE E 177 22.01 -50.43 -20.65
C ILE E 177 21.80 -51.90 -20.33
N PRO E 178 22.66 -52.81 -20.86
CA PRO E 178 22.42 -54.25 -20.76
C PRO E 178 22.52 -54.84 -19.35
N MET E 179 23.40 -54.27 -18.51
CA MET E 179 23.63 -54.76 -17.13
C MET E 179 22.38 -54.54 -16.28
N PHE E 180 21.73 -53.37 -16.38
CA PHE E 180 20.57 -53.10 -15.53
C PHE E 180 19.43 -54.07 -15.81
N GLN E 181 19.31 -54.50 -17.07
CA GLN E 181 18.22 -55.39 -17.44
C GLN E 181 18.43 -56.77 -16.83
N GLN E 182 17.33 -57.44 -16.54
CA GLN E 182 17.35 -58.81 -16.03
C GLN E 182 17.02 -59.77 -17.16
N THR E 183 16.88 -61.05 -16.82
CA THR E 183 16.57 -62.08 -17.82
C THR E 183 15.67 -63.12 -17.16
N ALA E 184 15.31 -64.13 -17.94
CA ALA E 184 14.47 -65.24 -17.47
C ALA E 184 13.10 -64.72 -17.02
N TYR E 185 12.41 -64.07 -17.94
CA TYR E 185 11.06 -63.61 -17.66
C TYR E 185 10.10 -64.78 -17.55
N LYS E 186 9.21 -64.73 -16.56
CA LYS E 186 8.27 -65.80 -16.30
C LYS E 186 6.88 -65.55 -16.90
N GLY E 187 6.42 -64.30 -16.88
CA GLY E 187 5.11 -63.99 -17.39
C GLY E 187 4.38 -62.95 -16.56
N GLN E 188 4.69 -62.91 -15.26
CA GLN E 188 4.14 -61.91 -14.33
C GLN E 188 5.23 -60.85 -14.24
N CYS E 189 4.90 -59.57 -14.13
CA CYS E 189 5.86 -58.49 -14.08
C CYS E 189 5.85 -57.78 -12.74
N SER E 190 7.00 -57.24 -12.39
CA SER E 190 7.22 -56.46 -11.18
C SER E 190 8.53 -55.72 -11.36
N PHE E 191 8.80 -54.77 -10.46
CA PHE E 191 9.99 -53.95 -10.62
C PHE E 191 11.25 -54.82 -10.72
N PHE E 192 11.26 -55.95 -10.03
CA PHE E 192 12.41 -56.85 -10.00
C PHE E 192 12.25 -58.05 -10.92
N ALA E 193 11.21 -58.07 -11.74
CA ALA E 193 11.12 -59.03 -12.84
C ALA E 193 11.67 -58.47 -14.14
N VAL E 194 12.04 -57.19 -14.17
CA VAL E 194 12.57 -56.56 -15.38
C VAL E 194 13.91 -55.91 -15.05
N PHE E 195 13.95 -55.10 -14.00
CA PHE E 195 15.15 -54.36 -13.63
C PHE E 195 15.92 -55.09 -12.54
N HIS E 196 17.23 -55.17 -12.72
CA HIS E 196 18.10 -55.86 -11.77
C HIS E 196 18.39 -54.96 -10.57
N PRO E 197 18.63 -55.54 -9.40
CA PRO E 197 18.96 -54.70 -8.23
C PRO E 197 20.18 -53.82 -8.42
N HIS E 198 21.04 -54.13 -9.39
CA HIS E 198 22.16 -53.24 -9.67
C HIS E 198 21.68 -51.85 -10.06
N PHE E 199 20.52 -51.76 -10.72
CA PHE E 199 19.98 -50.46 -11.09
C PHE E 199 19.66 -49.63 -9.86
N VAL E 200 18.96 -50.23 -8.88
CA VAL E 200 18.63 -49.49 -7.67
C VAL E 200 19.89 -49.15 -6.89
N LEU E 201 20.89 -50.04 -6.90
CA LEU E 201 22.14 -49.72 -6.23
C LEU E 201 22.79 -48.49 -6.85
N THR E 202 22.85 -48.44 -8.18
CA THR E 202 23.44 -47.27 -8.85
C THR E 202 22.63 -46.02 -8.56
N LEU E 203 21.30 -46.12 -8.60
CA LEU E 203 20.45 -44.97 -8.30
C LEU E 203 20.76 -44.44 -6.91
N SER E 204 20.85 -45.34 -5.92
CA SER E 204 21.17 -44.92 -4.56
C SER E 204 22.53 -44.26 -4.49
N CYS E 205 23.54 -44.85 -5.14
CA CYS E 205 24.89 -44.34 -5.03
C CYS E 205 25.02 -42.94 -5.65
N VAL E 206 24.39 -42.72 -6.80
CA VAL E 206 24.52 -41.44 -7.50
C VAL E 206 23.31 -40.54 -7.32
N GLY E 207 22.24 -41.02 -6.71
CA GLY E 207 21.00 -40.27 -6.62
C GLY E 207 20.60 -39.80 -5.24
N PHE E 208 19.73 -40.58 -4.60
CA PHE E 208 19.02 -40.12 -3.41
C PHE E 208 19.97 -39.69 -2.31
N PHE E 209 21.08 -40.40 -2.11
CA PHE E 209 21.90 -40.12 -0.94
C PHE E 209 22.77 -38.88 -1.16
N PRO E 210 23.41 -38.74 -2.32
CA PRO E 210 24.04 -37.44 -2.63
C PRO E 210 23.07 -36.28 -2.61
N ALA E 211 21.81 -36.51 -2.99
CA ALA E 211 20.83 -35.42 -2.91
C ALA E 211 20.48 -35.09 -1.46
N MET E 212 20.36 -36.10 -0.61
CA MET E 212 20.02 -35.87 0.78
C MET E 212 21.16 -35.20 1.53
N LEU E 213 22.41 -35.50 1.16
CA LEU E 213 23.54 -34.82 1.79
C LEU E 213 23.56 -33.33 1.47
N LEU E 214 22.81 -32.88 0.46
CA LEU E 214 22.66 -31.46 0.17
C LEU E 214 21.39 -30.89 0.79
N PHE E 215 20.31 -31.66 0.75
CA PHE E 215 19.08 -31.21 1.39
C PHE E 215 19.28 -31.02 2.89
N VAL E 216 20.21 -31.75 3.50
CA VAL E 216 20.48 -31.59 4.92
C VAL E 216 21.39 -30.40 5.18
N PHE E 217 22.46 -30.28 4.39
CA PHE E 217 23.40 -29.18 4.59
C PHE E 217 22.73 -27.82 4.38
N PHE E 218 21.91 -27.70 3.34
CA PHE E 218 21.27 -26.41 3.07
C PHE E 218 20.36 -25.99 4.21
N TYR E 219 19.51 -26.88 4.67
CA TYR E 219 18.58 -26.55 5.74
C TYR E 219 19.23 -26.52 7.12
N CYS E 220 20.46 -27.01 7.25
CA CYS E 220 21.20 -26.80 8.49
C CYS E 220 21.94 -25.48 8.48
N ASP E 221 22.38 -25.02 7.31
CA ASP E 221 22.98 -23.69 7.20
C ASP E 221 21.93 -22.59 7.26
N MET E 222 20.69 -22.90 6.87
CA MET E 222 19.60 -21.94 6.98
C MET E 222 19.08 -21.82 8.41
N LEU E 223 19.58 -22.64 9.34
CA LEU E 223 19.16 -22.60 10.73
C LEU E 223 20.05 -21.68 11.56
N LYS E 224 21.35 -21.63 11.24
CA LYS E 224 22.25 -20.72 11.93
C LYS E 224 21.84 -19.26 11.72
N ILE E 225 21.45 -18.91 10.49
CA ILE E 225 21.06 -17.54 10.17
C ILE E 225 19.80 -17.17 10.94
N ALA E 226 18.80 -18.06 10.95
CA ALA E 226 17.59 -17.80 11.71
C ALA E 226 17.90 -17.65 13.20
N SER E 227 18.81 -18.46 13.73
CA SER E 227 19.17 -18.37 15.14
C SER E 227 19.78 -17.01 15.46
N MET E 228 20.71 -16.55 14.61
CA MET E 228 21.33 -15.25 14.87
C MET E 228 20.31 -14.12 14.81
N HIS E 229 19.42 -14.16 13.82
CA HIS E 229 18.40 -13.11 13.72
C HIS E 229 17.47 -13.14 14.93
N SER E 230 17.08 -14.34 15.37
CA SER E 230 16.22 -14.44 16.56
C SER E 230 16.92 -13.88 17.79
N GLN E 231 18.22 -14.14 17.92
CA GLN E 231 18.94 -13.59 19.07
C GLN E 231 18.94 -12.07 19.05
N GLN E 232 19.21 -11.47 17.89
CA GLN E 232 19.20 -10.01 17.81
C GLN E 232 17.82 -9.45 18.14
N ILE E 233 16.77 -10.08 17.60
CA ILE E 233 15.42 -9.59 17.84
C ILE E 233 15.08 -9.68 19.32
N ARG E 234 15.42 -10.80 19.97
CA ARG E 234 15.12 -10.95 21.39
C ARG E 234 15.88 -9.94 22.23
N LYS E 235 17.14 -9.67 21.88
CA LYS E 235 17.90 -8.67 22.62
C LYS E 235 17.24 -7.30 22.54
N MET E 236 16.86 -6.88 21.32
CA MET E 236 16.23 -5.58 21.16
C MET E 236 14.89 -5.52 21.87
N GLU E 237 14.11 -6.60 21.79
CA GLU E 237 12.81 -6.63 22.47
C GLU E 237 12.98 -6.50 23.97
N HIS E 238 13.96 -7.19 24.55
CA HIS E 238 14.20 -7.08 25.98
C HIS E 238 14.62 -5.67 26.35
N ALA E 239 15.50 -5.06 25.56
CA ALA E 239 15.91 -3.69 25.87
C ALA E 239 14.71 -2.74 25.86
N GLY E 240 13.85 -2.86 24.84
CA GLY E 240 12.69 -2.00 24.77
C GLY E 240 11.73 -2.22 25.92
N ALA E 241 11.47 -3.48 26.27
CA ALA E 241 10.57 -3.77 27.38
C ALA E 241 11.12 -3.24 28.70
N MET E 242 12.43 -3.41 28.93
CA MET E 242 13.03 -2.86 30.14
C MET E 242 12.91 -1.34 30.16
N ALA E 243 13.07 -0.70 29.00
CA ALA E 243 12.86 0.73 28.92
C ALA E 243 11.43 1.10 29.32
N GLY E 244 10.46 0.34 28.83
CA GLY E 244 9.06 0.59 29.17
C GLY E 244 8.81 0.65 30.66
N SER E 253 8.71 -19.39 19.25
CA SER E 253 9.68 -19.02 18.24
C SER E 253 11.07 -19.55 18.58
N ASP E 254 11.27 -19.91 19.85
CA ASP E 254 12.54 -20.49 20.26
C ASP E 254 12.73 -21.91 19.75
N PHE E 255 11.65 -22.57 19.32
CA PHE E 255 11.72 -23.90 18.72
C PHE E 255 10.81 -23.95 17.49
N LYS E 256 10.88 -22.91 16.66
CA LYS E 256 10.09 -22.83 15.43
C LYS E 256 10.91 -23.26 14.22
N ALA E 257 12.07 -22.63 14.01
CA ALA E 257 12.91 -23.00 12.88
C ALA E 257 13.37 -24.45 12.99
N LEU E 258 13.73 -24.88 14.20
CA LEU E 258 14.14 -26.27 14.39
C LEU E 258 13.01 -27.23 14.05
N ARG E 259 11.79 -26.93 14.49
CA ARG E 259 10.66 -27.80 14.20
C ARG E 259 10.41 -27.88 12.69
N THR E 260 10.41 -26.73 12.02
CA THR E 260 10.17 -26.73 10.57
C THR E 260 11.24 -27.52 9.84
N VAL E 261 12.51 -27.29 10.19
CA VAL E 261 13.61 -27.97 9.51
C VAL E 261 13.53 -29.47 9.75
N SER E 262 13.20 -29.87 10.98
CA SER E 262 13.09 -31.29 11.28
C SER E 262 11.97 -31.93 10.46
N VAL E 263 10.82 -31.26 10.36
CA VAL E 263 9.72 -31.82 9.58
C VAL E 263 10.14 -31.99 8.13
N LEU E 264 10.75 -30.96 7.55
CA LEU E 264 11.15 -31.03 6.16
C LEU E 264 12.14 -32.17 5.93
N ILE E 265 13.18 -32.25 6.75
CA ILE E 265 14.23 -33.25 6.54
C ILE E 265 13.67 -34.66 6.75
N GLY E 266 12.84 -34.85 7.76
CA GLY E 266 12.25 -36.16 7.97
C GLY E 266 11.37 -36.58 6.80
N SER E 267 10.55 -35.65 6.29
CA SER E 267 9.71 -35.98 5.14
C SER E 267 10.56 -36.37 3.95
N PHE E 268 11.63 -35.63 3.69
CA PHE E 268 12.49 -35.96 2.54
C PHE E 268 13.15 -37.32 2.72
N ALA E 269 13.64 -37.61 3.93
CA ALA E 269 14.50 -38.77 4.13
C ALA E 269 13.74 -40.07 4.40
N LEU E 270 12.51 -40.00 4.88
CA LEU E 270 11.75 -41.20 5.20
C LEU E 270 10.97 -41.75 4.00
N SER E 271 11.14 -41.15 2.82
CA SER E 271 10.38 -41.58 1.65
C SER E 271 10.99 -42.80 0.98
N TRP E 272 12.22 -42.67 0.48
CA TRP E 272 12.83 -43.70 -0.35
C TRP E 272 13.94 -44.48 0.33
N THR E 273 14.47 -43.99 1.46
CA THR E 273 15.62 -44.66 2.07
C THR E 273 15.30 -46.09 2.50
N PRO E 274 14.15 -46.39 3.11
CA PRO E 274 13.85 -47.80 3.44
C PRO E 274 13.81 -48.72 2.23
N PHE E 275 13.61 -48.18 1.03
CA PHE E 275 13.61 -48.99 -0.17
C PHE E 275 15.02 -49.18 -0.72
N LEU E 276 15.79 -48.09 -0.79
CA LEU E 276 17.15 -48.18 -1.33
C LEU E 276 18.04 -49.02 -0.41
N ILE E 277 17.87 -48.88 0.90
CA ILE E 277 18.70 -49.66 1.83
C ILE E 277 18.40 -51.15 1.68
N THR E 278 17.12 -51.51 1.59
CA THR E 278 16.78 -52.92 1.43
C THR E 278 17.22 -53.45 0.08
N GLY E 279 17.19 -52.63 -0.97
CA GLY E 279 17.74 -53.06 -2.25
C GLY E 279 19.23 -53.32 -2.17
N ILE E 280 19.97 -52.46 -1.46
CA ILE E 280 21.40 -52.68 -1.28
C ILE E 280 21.64 -53.95 -0.48
N VAL E 281 20.80 -54.20 0.53
CA VAL E 281 20.90 -55.44 1.30
C VAL E 281 20.67 -56.65 0.39
N GLN E 282 19.68 -56.56 -0.50
CA GLN E 282 19.46 -57.63 -1.46
C GLN E 282 20.67 -57.86 -2.33
N VAL E 283 21.29 -56.78 -2.82
CA VAL E 283 22.47 -56.92 -3.66
C VAL E 283 23.59 -57.60 -2.90
N ALA E 284 23.79 -57.22 -1.64
CA ALA E 284 24.91 -57.76 -0.86
C ALA E 284 24.66 -59.22 -0.51
N CYS E 285 23.57 -59.51 0.20
CA CYS E 285 23.25 -60.85 0.65
C CYS E 285 22.42 -61.59 -0.41
N GLN E 286 22.90 -62.76 -0.82
CA GLN E 286 22.16 -63.59 -1.77
C GLN E 286 21.13 -64.48 -1.09
N GLU E 287 21.46 -65.00 0.10
CA GLU E 287 20.54 -65.90 0.79
C GLU E 287 19.24 -65.19 1.15
N CYS E 288 19.33 -63.95 1.60
CA CYS E 288 18.12 -63.20 1.96
C CYS E 288 17.21 -63.09 0.74
N HIS E 289 15.93 -63.45 0.94
CA HIS E 289 14.91 -63.28 -0.10
C HIS E 289 14.09 -62.05 0.26
N LEU E 290 14.69 -60.88 0.01
CA LEU E 290 14.03 -59.61 0.29
C LEU E 290 13.42 -59.03 -0.98
N TYR E 291 12.38 -59.71 -1.46
CA TYR E 291 11.58 -59.26 -2.58
C TYR E 291 10.11 -59.08 -2.23
N LEU E 292 9.55 -59.98 -1.43
CA LEU E 292 8.14 -59.87 -1.07
C LEU E 292 7.87 -58.57 -0.31
N VAL E 293 8.74 -58.22 0.64
CA VAL E 293 8.60 -56.95 1.34
C VAL E 293 9.18 -55.80 0.55
N LEU E 294 10.15 -56.07 -0.33
CA LEU E 294 10.84 -55.00 -1.05
C LEU E 294 9.99 -54.42 -2.17
N GLU E 295 9.07 -55.21 -2.76
CA GLU E 295 8.23 -54.72 -3.85
C GLU E 295 6.74 -54.85 -3.54
N ARG E 296 6.37 -54.93 -2.25
CA ARG E 296 4.96 -54.84 -1.87
C ARG E 296 4.71 -54.00 -0.64
N TYR E 297 5.71 -53.68 0.18
CA TYR E 297 5.49 -52.91 1.39
C TYR E 297 6.39 -51.68 1.48
N LEU E 298 7.66 -51.82 1.10
CA LEU E 298 8.63 -50.75 1.23
C LEU E 298 8.59 -49.77 0.07
N TRP E 299 7.88 -50.10 -1.00
CA TRP E 299 7.75 -49.20 -2.15
C TRP E 299 6.69 -48.14 -1.94
N LEU E 300 5.69 -48.41 -1.11
CA LEU E 300 4.56 -47.50 -0.95
C LEU E 300 4.89 -46.23 -0.19
N LEU E 301 6.00 -46.16 0.53
CA LEU E 301 6.34 -44.96 1.28
C LEU E 301 6.78 -43.82 0.38
N GLY E 302 7.66 -44.10 -0.59
CA GLY E 302 8.04 -43.09 -1.56
C GLY E 302 6.90 -42.64 -2.44
N VAL E 303 5.84 -43.43 -2.53
CA VAL E 303 4.66 -43.05 -3.29
C VAL E 303 3.70 -42.25 -2.41
N GLY E 304 3.61 -42.58 -1.13
CA GLY E 304 2.79 -41.83 -0.21
C GLY E 304 3.39 -40.50 0.19
N ASN E 305 4.68 -40.30 -0.07
CA ASN E 305 5.25 -38.95 0.08
C ASN E 305 4.55 -37.95 -0.84
N SER E 306 3.89 -38.43 -1.91
CA SER E 306 3.15 -37.54 -2.79
C SER E 306 1.89 -37.01 -2.12
N LEU E 307 1.36 -37.72 -1.12
CA LEU E 307 0.25 -37.20 -0.36
C LEU E 307 0.69 -36.09 0.60
N LEU E 308 1.95 -36.13 1.04
CA LEU E 308 2.47 -35.19 2.03
C LEU E 308 3.03 -33.93 1.40
N ASN E 309 3.66 -34.05 0.24
CA ASN E 309 4.27 -32.87 -0.39
C ASN E 309 3.31 -31.71 -0.58
N PRO E 310 2.07 -31.89 -1.04
CA PRO E 310 1.17 -30.73 -1.16
C PRO E 310 0.92 -30.02 0.16
N LEU E 311 0.89 -30.75 1.28
CA LEU E 311 0.65 -30.13 2.57
C LEU E 311 1.86 -29.37 3.09
N ILE E 312 3.06 -29.67 2.60
CA ILE E 312 4.28 -29.07 3.13
C ILE E 312 4.72 -27.91 2.25
N TYR E 313 4.43 -27.91 0.95
CA TYR E 313 4.94 -26.86 0.01
C TYR E 313 3.82 -26.03 -0.60
N ALA E 314 2.56 -26.35 -0.33
CA ALA E 314 1.40 -25.60 -0.86
C ALA E 314 0.54 -25.09 0.29
N TYR E 315 -0.16 -25.93 1.04
CA TYR E 315 -1.07 -25.49 2.11
C TYR E 315 -0.34 -24.68 3.14
N TRP E 316 0.93 -24.96 3.43
CA TRP E 316 1.68 -24.26 4.49
C TRP E 316 2.06 -22.85 4.05
N GLN E 317 1.81 -22.48 2.79
CA GLN E 317 2.04 -21.09 2.30
C GLN E 317 0.76 -20.30 2.60
N LYS E 318 0.87 -19.05 3.01
CA LYS E 318 -0.30 -18.22 3.45
C LYS E 318 -1.15 -17.78 2.25
N GLU E 319 -0.52 -17.44 1.14
CA GLU E 319 -1.25 -17.00 -0.07
C GLU E 319 -1.95 -18.20 -0.71
N VAL E 320 -1.38 -19.41 -0.62
CA VAL E 320 -1.93 -20.63 -1.28
C VAL E 320 -3.07 -21.17 -0.42
N ARG E 321 -3.04 -20.96 0.90
CA ARG E 321 -4.16 -21.38 1.78
C ARG E 321 -5.35 -20.44 1.57
N LEU E 322 -5.15 -19.12 1.36
CA LEU E 322 -6.22 -18.14 1.10
C LEU E 322 -6.87 -18.38 -0.25
N GLN E 323 -6.06 -18.66 -1.28
CA GLN E 323 -6.63 -18.92 -2.60
C GLN E 323 -7.50 -20.17 -2.58
N LEU E 324 -7.06 -21.22 -1.90
CA LEU E 324 -7.87 -22.42 -1.80
C LEU E 324 -9.17 -22.14 -1.06
N TYR E 325 -9.12 -21.33 -0.01
CA TYR E 325 -10.34 -20.99 0.71
C TYR E 325 -11.30 -20.19 -0.17
N HIS E 326 -10.77 -19.26 -0.95
CA HIS E 326 -11.61 -18.51 -1.88
C HIS E 326 -12.23 -19.43 -2.92
N MET E 327 -11.46 -20.41 -3.41
CA MET E 327 -12.01 -21.39 -4.33
C MET E 327 -13.13 -22.18 -3.69
C10 A1D8Y F . 13.06 -43.58 -8.16
C15 A1D8Y F . 11.05 -47.99 -7.59
C17 A1D8Y F . 8.87 -48.92 -7.98
C20 A1D8Y F . 7.35 -52.22 -7.41
C21 A1D8Y F . 6.28 -52.17 -8.27
C26 A1D8Y F . 6.07 -51.04 -9.04
C01 A1D8Y F . 18.41 -37.42 -8.02
C02 A1D8Y F . 18.27 -38.91 -8.30
C03 A1D8Y F . 18.44 -39.20 -9.78
C04 A1D8Y F . 16.94 -39.43 -7.80
N05 A1D8Y F . 15.99 -38.67 -7.33
O06 A1D8Y F . 14.97 -39.48 -6.98
C07 A1D8Y F . 15.35 -40.73 -7.23
N08 A1D8Y F . 14.54 -41.89 -7.03
C09 A1D8Y F . 14.21 -42.61 -8.30
C11 A1D8Y F . 13.00 -44.19 -6.87
C12 A1D8Y F . 12.47 -45.60 -7.02
O13 A1D8Y F . 11.26 -45.56 -7.73
C14 A1D8Y F . 10.51 -46.73 -7.79
C16 A1D8Y F . 10.21 -49.06 -7.69
C18 A1D8Y F . 8.01 -50.01 -8.09
C19 A1D8Y F . 8.20 -51.15 -7.31
S22 A1D8Y F . 5.16 -53.60 -8.39
C23 A1D8Y F . 4.20 -53.86 -6.87
O24 A1D8Y F . 4.26 -53.48 -9.53
O25 A1D8Y F . 5.93 -54.79 -8.70
C27 A1D8Y F . 6.94 -49.96 -8.94
N28 A1D8Y F . 8.42 -47.70 -8.16
C29 A1D8Y F . 9.17 -46.62 -8.10
C30 A1D8Y F . 14.27 -44.27 -6.20
C31 A1D8Y F . 14.93 -42.90 -5.99
N32 A1D8Y F . 16.55 -40.68 -7.74
H101 A1D8Y F . 12.14 -43.05 -8.36
H102 A1D8Y F . 13.20 -44.35 -8.91
H151 A1D8Y F . 12.10 -48.15 -7.37
H201 A1D8Y F . 7.51 -53.09 -6.81
H261 A1D8Y F . 5.24 -50.99 -9.72
H011 A1D8Y F . 18.29 -37.23 -6.96
H012 A1D8Y F . 17.66 -36.87 -8.58
H013 A1D8Y F . 19.40 -37.09 -8.35
H021 A1D8Y F . 19.06 -39.43 -7.77
H031 A1D8Y F . 17.56 -38.86 -10.31
H033 A1D8Y F . 18.57 -40.26 -9.93
H032 A1D8Y F . 19.31 -38.66 -10.15
H092 A1D8Y F . 13.95 -41.88 -9.06
H091 A1D8Y F . 15.09 -43.16 -8.64
H111 A1D8Y F . 12.31 -43.62 -6.24
H121 A1D8Y F . 13.21 -46.18 -7.57
H122 A1D8Y F . 12.33 -46.03 -6.04
H161 A1D8Y F . 10.64 -50.04 -7.53
H191 A1D8Y F . 9.03 -51.22 -6.62
H232 A1D8Y F . 4.27 -54.91 -6.58
H233 A1D8Y F . 3.17 -53.60 -7.05
H231 A1D8Y F . 4.60 -53.23 -6.08
H271 A1D8Y F . 6.76 -49.10 -9.56
H291 A1D8Y F . 8.73 -45.63 -8.25
H302 A1D8Y F . 14.93 -44.89 -6.80
H301 A1D8Y F . 14.13 -44.73 -5.23
H311 A1D8Y F . 16.01 -43.03 -6.03
H312 A1D8Y F . 14.65 -42.54 -5.01
#